data_6FKU
#
_entry.id   6FKU
#
_cell.length_a   105.230
_cell.length_b   105.230
_cell.length_c   315.280
_cell.angle_alpha   90.00
_cell.angle_beta   90.00
_cell.angle_gamma   90.00
#
_symmetry.space_group_name_H-M   'P 41 21 2'
#
loop_
_entity.id
_entity.type
_entity.pdbx_description
1 polymer 'Aldehyde dehydrogenase'
2 non-polymer 'TRIETHYLENE GLYCOL'
3 non-polymer DI(HYDROXYETHYL)ETHER
4 non-polymer 'TETRAETHYLENE GLYCOL'
5 non-polymer 'NADP NICOTINAMIDE-ADENINE-DINUCLEOTIDE PHOSPHATE'
6 non-polymer 'PENTAETHYLENE GLYCOL'
7 non-polymer 'SULFATE ION'
8 water water
#
_entity_poly.entity_id   1
_entity_poly.type   'polypeptide(L)'
_entity_poly.pdbx_seq_one_letter_code
;MHHHHHHRKAAGKYGNTLEFGHLVGGEEVLEGPLLERRNPSDREDVVARFPEADKDLVRKAALKAREAFAEWSRTPAPIR
GQVLFNLVKILEREKPTLTRLMVREVGKTPKEAAGDVQEAIDTALFFASEGRRLYGQTVPSEMRDKELFTFRRPLGVVGI
ITAGNFPIAVPSWKLIPAVLTGNTVVWKPSEDAPTLSFVFAKLFEEAGLPPGVLNVVFGGGKGSTGQWMVELMDEGLFQK
FAFTGSTQVGRWIGEVAGRNLIRPTLELGGKNPLVVMRDADLDLAVEGAWWSAFATGGQRCTSAGNILVDAPIYEEFKRR
FLERVEATLVGNPLLHPEVTYGPFINERFFARWQEHYRVGEAEGARLLFGRGRITRENPYPRFLGDPEAGLYGWPTVWEV
RPGTRLFTEEVFGPTINLVKVDGIEEAIAVANSTPYGLSSAIYTNHRHWAYLFKVGIRAGMTSINNATVGAEAHLPFGGV
KASGNGGRESGIWVLEEYTYWHAVNEEYSGRLQLAQMDTGY
;
_entity_poly.pdbx_strand_id   A,B
#
loop_
_chem_comp.id
_chem_comp.type
_chem_comp.name
_chem_comp.formula
1PE non-polymer 'PENTAETHYLENE GLYCOL' 'C10 H22 O6'
NAP non-polymer 'NADP NICOTINAMIDE-ADENINE-DINUCLEOTIDE PHOSPHATE' 'C21 H28 N7 O17 P3'
PEG non-polymer DI(HYDROXYETHYL)ETHER 'C4 H10 O3'
PG4 non-polymer 'TETRAETHYLENE GLYCOL' 'C8 H18 O5'
PGE non-polymer 'TRIETHYLENE GLYCOL' 'C6 H14 O4'
SO4 non-polymer 'SULFATE ION' 'O4 S -2'
#
# COMPACT_ATOMS: atom_id res chain seq x y z
N HIS A 7 18.96 -26.50 25.67
CA HIS A 7 17.51 -26.31 25.29
C HIS A 7 16.65 -27.49 25.74
N ARG A 8 17.20 -28.69 25.81
CA ARG A 8 16.42 -29.93 26.11
C ARG A 8 16.10 -29.96 27.60
N LYS A 9 15.00 -29.32 28.02
CA LYS A 9 14.69 -29.09 29.46
C LYS A 9 14.14 -30.36 30.11
N ALA A 10 13.32 -31.12 29.37
CA ALA A 10 12.73 -32.36 29.88
C ALA A 10 12.53 -33.35 28.71
N ALA A 11 12.23 -34.60 29.04
CA ALA A 11 11.75 -35.56 28.06
C ALA A 11 10.21 -35.48 28.03
N GLY A 12 9.64 -35.37 26.83
CA GLY A 12 8.18 -35.39 26.67
C GLY A 12 7.70 -36.76 26.23
N LYS A 13 6.50 -36.81 25.69
CA LYS A 13 5.87 -38.07 25.31
C LYS A 13 6.36 -38.50 23.92
N TYR A 14 6.27 -37.61 22.93
CA TYR A 14 6.62 -37.93 21.54
C TYR A 14 7.91 -37.19 21.10
N GLY A 15 8.67 -36.68 22.06
CA GLY A 15 9.93 -36.02 21.78
C GLY A 15 10.43 -35.26 23.00
N ASN A 16 11.42 -34.41 22.82
CA ASN A 16 11.90 -33.57 23.92
C ASN A 16 10.92 -32.40 24.15
N THR A 17 10.79 -31.99 25.41
CA THR A 17 10.22 -30.68 25.73
C THR A 17 11.34 -29.64 25.67
N LEU A 18 11.29 -28.71 24.72
CA LEU A 18 12.35 -27.72 24.58
C LEU A 18 11.99 -26.45 25.38
N GLU A 19 12.99 -25.85 26.02
CA GLU A 19 12.87 -24.51 26.59
C GLU A 19 13.84 -23.57 25.86
N PHE A 20 13.38 -22.38 25.51
CA PHE A 20 14.21 -21.42 24.78
C PHE A 20 13.65 -20.01 24.95
N GLY A 21 14.48 -19.02 24.66
CA GLY A 21 14.10 -17.62 24.77
C GLY A 21 14.04 -16.92 23.42
N HIS A 22 13.91 -15.61 23.51
CA HIS A 22 13.85 -14.73 22.38
C HIS A 22 15.23 -14.72 21.71
N LEU A 23 15.24 -14.30 20.44
CA LEU A 23 16.48 -14.12 19.71
C LEU A 23 16.59 -12.64 19.35
N VAL A 24 17.54 -11.96 19.99
CA VAL A 24 17.74 -10.53 19.80
C VAL A 24 19.23 -10.29 19.54
N GLY A 25 19.55 -9.67 18.42
CA GLY A 25 20.94 -9.39 18.06
C GLY A 25 21.80 -10.64 18.09
N GLY A 26 21.22 -11.79 17.78
CA GLY A 26 21.98 -13.02 17.77
C GLY A 26 22.01 -13.72 19.12
N GLU A 27 21.68 -13.03 20.21
CA GLU A 27 21.74 -13.64 21.53
C GLU A 27 20.37 -14.18 21.95
N GLU A 28 20.38 -15.28 22.69
CA GLU A 28 19.15 -15.87 23.23
C GLU A 28 18.83 -15.20 24.58
N VAL A 29 17.60 -14.72 24.75
CA VAL A 29 17.21 -13.91 25.91
C VAL A 29 16.01 -14.59 26.57
N LEU A 30 16.25 -15.22 27.71
CA LEU A 30 15.18 -15.92 28.45
C LEU A 30 14.60 -14.95 29.47
N GLU A 31 13.67 -14.10 29.00
CA GLU A 31 13.18 -12.99 29.80
C GLU A 31 11.66 -12.85 29.60
N GLY A 32 10.91 -12.94 30.70
CA GLY A 32 9.47 -12.76 30.69
C GLY A 32 8.78 -13.98 31.27
N PRO A 33 7.48 -13.86 31.54
CA PRO A 33 6.72 -14.98 32.12
C PRO A 33 6.63 -16.16 31.13
N LEU A 34 6.74 -17.38 31.63
CA LEU A 34 6.82 -18.54 30.75
C LEU A 34 5.42 -18.92 30.27
N LEU A 35 5.34 -19.17 28.97
CA LEU A 35 4.19 -19.79 28.33
C LEU A 35 4.56 -21.23 27.97
N GLU A 36 3.56 -22.02 27.56
CA GLU A 36 3.91 -23.33 27.05
C GLU A 36 3.00 -23.68 25.87
N ARG A 37 3.54 -24.54 25.01
CA ARG A 37 2.79 -25.05 23.89
C ARG A 37 2.65 -26.56 24.05
N ARG A 38 1.41 -27.02 24.13
CA ARG A 38 1.12 -28.43 24.24
C ARG A 38 0.74 -28.95 22.86
N ASN A 39 1.15 -30.18 22.60
CA ASN A 39 0.82 -30.91 21.39
C ASN A 39 -0.70 -30.96 21.26
N PRO A 40 -1.26 -30.34 20.21
CA PRO A 40 -2.72 -30.29 20.15
C PRO A 40 -3.36 -31.65 19.86
N SER A 41 -2.61 -32.64 19.38
CA SER A 41 -3.17 -33.99 19.17
C SER A 41 -3.24 -34.75 20.50
N ASP A 42 -2.37 -34.36 21.44
CA ASP A 42 -2.25 -35.04 22.72
C ASP A 42 -1.64 -34.08 23.74
N ARG A 43 -2.47 -33.47 24.56
CA ARG A 43 -2.05 -32.32 25.37
C ARG A 43 -1.17 -32.77 26.54
N GLU A 44 -0.98 -34.08 26.73
CA GLU A 44 0.03 -34.60 27.69
C GLU A 44 1.45 -34.32 27.18
N ASP A 45 1.63 -34.25 25.86
CA ASP A 45 2.94 -33.96 25.26
C ASP A 45 3.17 -32.44 25.25
N VAL A 46 4.12 -32.00 26.07
CA VAL A 46 4.49 -30.60 26.16
C VAL A 46 5.66 -30.37 25.18
N VAL A 47 5.43 -29.55 24.17
CA VAL A 47 6.39 -29.36 23.10
C VAL A 47 7.44 -28.33 23.54
N ALA A 48 6.97 -27.23 24.16
CA ALA A 48 7.88 -26.11 24.39
C ALA A 48 7.43 -25.27 25.60
N ARG A 49 8.44 -24.75 26.30
CA ARG A 49 8.27 -23.68 27.26
C ARG A 49 9.12 -22.49 26.77
N PHE A 50 8.53 -21.31 26.79
CA PHE A 50 9.15 -20.13 26.18
C PHE A 50 8.55 -18.86 26.80
N PRO A 51 9.29 -17.76 26.81
CA PRO A 51 8.84 -16.55 27.50
C PRO A 51 7.97 -15.59 26.66
N GLU A 52 7.25 -14.73 27.36
CA GLU A 52 6.49 -13.63 26.76
C GLU A 52 7.36 -12.37 26.82
N ALA A 53 7.78 -11.88 25.66
CA ALA A 53 8.55 -10.66 25.59
C ALA A 53 7.67 -9.46 25.97
N ASP A 54 8.16 -8.65 26.90
CA ASP A 54 7.49 -7.40 27.22
C ASP A 54 7.82 -6.33 26.19
N LYS A 55 7.04 -5.25 26.21
CA LYS A 55 7.12 -4.21 25.21
C LYS A 55 8.55 -3.65 25.12
N ASP A 56 9.22 -3.47 26.26
CA ASP A 56 10.58 -2.90 26.25
C ASP A 56 11.59 -3.81 25.56
N LEU A 57 11.38 -5.12 25.62
CA LEU A 57 12.28 -6.03 24.96
C LEU A 57 12.01 -6.01 23.44
N VAL A 58 10.75 -5.83 23.04
CA VAL A 58 10.41 -5.71 21.63
C VAL A 58 11.06 -4.43 21.09
N ARG A 59 11.01 -3.37 21.89
CA ARG A 59 11.63 -2.09 21.56
C ARG A 59 13.13 -2.32 21.29
N LYS A 60 13.79 -3.08 22.17
CA LYS A 60 15.22 -3.35 22.03
C LYS A 60 15.47 -4.17 20.77
N ALA A 61 14.59 -5.12 20.48
CA ALA A 61 14.73 -5.95 19.27
C ALA A 61 14.64 -5.07 18.02
N ALA A 62 13.75 -4.09 18.01
CA ALA A 62 13.62 -3.17 16.87
C ALA A 62 14.86 -2.28 16.73
N LEU A 63 15.46 -1.87 17.84
CA LEU A 63 16.65 -1.02 17.81
C LEU A 63 17.87 -1.85 17.41
N LYS A 64 17.90 -3.12 17.80
CA LYS A 64 18.94 -4.02 17.35
C LYS A 64 18.78 -4.24 15.84
N ALA A 65 17.54 -4.36 15.37
CA ALA A 65 17.25 -4.49 13.95
C ALA A 65 17.74 -3.24 13.21
N ARG A 66 17.47 -2.05 13.74
CA ARG A 66 17.90 -0.78 13.13
C ARG A 66 19.42 -0.75 12.99
N GLU A 67 20.11 -1.26 14.00
CA GLU A 67 21.58 -1.33 14.03
C GLU A 67 22.09 -2.21 12.88
N ALA A 68 21.57 -3.44 12.82
CA ALA A 68 22.03 -4.47 11.86
C ALA A 68 21.67 -4.07 10.42
N PHE A 69 20.60 -3.29 10.26
CA PHE A 69 20.10 -2.89 8.93
C PHE A 69 21.16 -2.09 8.16
N ALA A 70 21.97 -1.33 8.89
CA ALA A 70 22.98 -0.46 8.25
C ALA A 70 23.94 -1.30 7.41
N GLU A 71 24.45 -2.40 7.95
CA GLU A 71 25.44 -3.21 7.22
C GLU A 71 24.72 -4.18 6.28
N TRP A 72 23.53 -4.61 6.64
CA TRP A 72 22.83 -5.60 5.80
C TRP A 72 22.34 -4.94 4.50
N SER A 73 21.77 -3.75 4.60
CA SER A 73 21.31 -3.03 3.41
C SER A 73 22.47 -2.70 2.48
N ARG A 74 23.69 -2.57 3.01
CA ARG A 74 24.88 -2.28 2.19
C ARG A 74 25.56 -3.59 1.76
N THR A 75 25.05 -4.74 2.19
CA THR A 75 25.51 -6.01 1.65
C THR A 75 24.89 -6.19 0.25
N PRO A 76 25.73 -6.40 -0.77
CA PRO A 76 25.22 -6.54 -2.14
C PRO A 76 24.11 -7.59 -2.24
N ALA A 77 23.06 -7.28 -3.00
CA ALA A 77 21.89 -8.13 -3.07
C ALA A 77 22.25 -9.54 -3.52
N PRO A 78 23.23 -9.69 -4.44
CA PRO A 78 23.58 -11.05 -4.85
C PRO A 78 24.24 -11.86 -3.72
N ILE A 79 24.94 -11.19 -2.80
CA ILE A 79 25.49 -11.88 -1.63
C ILE A 79 24.36 -12.23 -0.66
N ARG A 80 23.41 -11.31 -0.45
CA ARG A 80 22.22 -11.60 0.35
C ARG A 80 21.50 -12.82 -0.23
N GLY A 81 21.46 -12.93 -1.56
CA GLY A 81 20.82 -14.07 -2.22
C GLY A 81 21.56 -15.36 -1.94
N GLN A 82 22.88 -15.28 -1.77
CA GLN A 82 23.67 -16.47 -1.47
C GLN A 82 23.30 -17.01 -0.08
N VAL A 83 22.99 -16.12 0.87
CA VAL A 83 22.48 -16.58 2.16
C VAL A 83 21.19 -17.37 1.95
N LEU A 84 20.27 -16.85 1.15
CA LEU A 84 19.01 -17.58 0.90
C LEU A 84 19.31 -18.91 0.19
N PHE A 85 20.31 -18.93 -0.69
CA PHE A 85 20.66 -20.19 -1.37
C PHE A 85 21.10 -21.24 -0.33
N ASN A 86 21.94 -20.83 0.61
CA ASN A 86 22.33 -21.71 1.72
C ASN A 86 21.08 -22.19 2.46
N LEU A 87 20.11 -21.28 2.66
CA LEU A 87 18.88 -21.62 3.39
C LEU A 87 18.08 -22.68 2.61
N VAL A 88 18.06 -22.61 1.28
CA VAL A 88 17.41 -23.64 0.49
C VAL A 88 18.00 -25.01 0.89
N LYS A 89 19.32 -25.11 0.88
CA LYS A 89 19.99 -26.39 1.09
C LYS A 89 19.78 -26.88 2.52
N ILE A 90 19.87 -25.96 3.48
CA ILE A 90 19.64 -26.26 4.89
C ILE A 90 18.18 -26.71 5.09
N LEU A 91 17.22 -26.02 4.48
CA LEU A 91 15.79 -26.39 4.63
C LEU A 91 15.55 -27.78 4.04
N GLU A 92 16.19 -28.03 2.91
CA GLU A 92 16.15 -29.32 2.22
C GLU A 92 16.63 -30.42 3.16
N ARG A 93 17.80 -30.21 3.76
CA ARG A 93 18.40 -31.15 4.70
C ARG A 93 17.44 -31.40 5.88
N GLU A 94 16.78 -30.36 6.34
CA GLU A 94 15.99 -30.44 7.57
C GLU A 94 14.52 -30.76 7.27
N LYS A 95 14.15 -31.03 6.03
CA LYS A 95 12.72 -31.15 5.68
C LYS A 95 12.03 -32.26 6.48
N PRO A 96 12.63 -33.48 6.60
CA PRO A 96 12.00 -34.54 7.40
C PRO A 96 11.82 -34.16 8.87
N THR A 97 12.84 -33.54 9.47
CA THR A 97 12.81 -33.07 10.86
C THR A 97 11.73 -31.99 11.06
N LEU A 98 11.70 -31.01 10.18
CA LEU A 98 10.72 -29.92 10.30
C LEU A 98 9.31 -30.49 10.11
N THR A 99 9.17 -31.46 9.20
CA THR A 99 7.89 -32.10 8.94
C THR A 99 7.38 -32.74 10.25
N ARG A 100 8.23 -33.56 10.88
CA ARG A 100 7.83 -34.29 12.08
C ARG A 100 7.51 -33.29 13.21
N LEU A 101 8.35 -32.27 13.41
CA LEU A 101 8.12 -31.28 14.45
C LEU A 101 6.79 -30.55 14.21
N MET A 102 6.45 -30.30 12.95
CA MET A 102 5.24 -29.55 12.63
C MET A 102 3.99 -30.40 12.94
N VAL A 103 4.04 -31.69 12.62
CA VAL A 103 2.93 -32.61 12.96
C VAL A 103 2.70 -32.55 14.48
N ARG A 104 3.79 -32.57 15.23
CA ARG A 104 3.76 -32.57 16.70
C ARG A 104 3.20 -31.25 17.22
N GLU A 105 3.66 -30.11 16.69
CA GLU A 105 3.42 -28.80 17.32
C GLU A 105 2.10 -28.16 16.86
N VAL A 106 1.62 -28.42 15.64
CA VAL A 106 0.36 -27.80 15.18
C VAL A 106 -0.63 -28.85 14.67
N GLY A 107 -0.22 -30.11 14.57
CA GLY A 107 -1.19 -31.19 14.39
C GLY A 107 -1.64 -31.37 12.96
N LYS A 108 -0.87 -30.91 11.97
CA LYS A 108 -1.29 -31.22 10.61
C LYS A 108 -0.59 -32.51 10.19
N THR A 109 -1.12 -33.12 9.11
CA THR A 109 -0.66 -34.42 8.63
C THR A 109 0.77 -34.29 8.11
N PRO A 110 1.54 -35.39 8.14
CA PRO A 110 2.88 -35.39 7.55
C PRO A 110 2.91 -34.88 6.10
N LYS A 111 1.90 -35.26 5.31
CA LYS A 111 1.84 -34.85 3.90
C LYS A 111 1.72 -33.32 3.81
N GLU A 112 0.77 -32.75 4.56
CA GLU A 112 0.54 -31.31 4.54
C GLU A 112 1.74 -30.58 5.14
N ALA A 113 2.34 -31.13 6.19
CA ALA A 113 3.48 -30.49 6.86
C ALA A 113 4.68 -30.43 5.91
N ALA A 114 4.92 -31.50 5.16
CA ALA A 114 5.99 -31.53 4.16
C ALA A 114 5.74 -30.44 3.10
N GLY A 115 4.49 -30.29 2.67
CA GLY A 115 4.12 -29.24 1.72
C GLY A 115 4.33 -27.85 2.28
N ASP A 116 4.00 -27.67 3.56
CA ASP A 116 4.22 -26.41 4.23
C ASP A 116 5.71 -26.07 4.17
N VAL A 117 6.57 -27.02 4.52
CA VAL A 117 8.02 -26.79 4.50
C VAL A 117 8.48 -26.54 3.06
N GLN A 118 7.92 -27.27 2.10
CA GLN A 118 8.35 -27.15 0.70
C GLN A 118 8.07 -25.74 0.18
N GLU A 119 6.99 -25.09 0.62
CA GLU A 119 6.69 -23.73 0.20
C GLU A 119 7.82 -22.79 0.64
N ALA A 120 8.40 -23.03 1.80
CA ALA A 120 9.50 -22.19 2.28
C ALA A 120 10.74 -22.43 1.43
N ILE A 121 10.95 -23.70 1.03
CA ILE A 121 12.07 -24.07 0.16
C ILE A 121 11.90 -23.38 -1.21
N ASP A 122 10.69 -23.43 -1.76
CA ASP A 122 10.39 -22.82 -3.06
C ASP A 122 10.58 -21.30 -2.98
N THR A 123 10.09 -20.70 -1.89
CA THR A 123 10.25 -19.26 -1.67
C THR A 123 11.74 -18.92 -1.57
N ALA A 124 12.50 -19.71 -0.80
CA ALA A 124 13.94 -19.45 -0.65
C ALA A 124 14.64 -19.45 -2.01
N LEU A 125 14.33 -20.44 -2.85
CA LEU A 125 14.98 -20.58 -4.16
C LEU A 125 14.62 -19.38 -5.05
N PHE A 126 13.33 -19.05 -5.08
CA PHE A 126 12.86 -17.93 -5.89
C PHE A 126 13.66 -16.67 -5.54
N PHE A 127 13.80 -16.37 -4.26
CA PHE A 127 14.40 -15.10 -3.82
C PHE A 127 15.93 -15.21 -3.77
N ALA A 128 16.48 -16.42 -3.73
CA ALA A 128 17.92 -16.60 -3.87
C ALA A 128 18.40 -15.93 -5.17
N SER A 129 17.76 -16.21 -6.30
CA SER A 129 18.23 -15.60 -7.55
C SER A 129 17.65 -14.20 -7.73
N GLU A 130 16.63 -13.82 -6.96
CA GLU A 130 16.12 -12.46 -7.03
C GLU A 130 17.23 -11.49 -6.59
N GLY A 131 18.24 -11.99 -5.89
CA GLY A 131 19.39 -11.17 -5.52
C GLY A 131 20.13 -10.59 -6.73
N ARG A 132 19.99 -11.24 -7.89
CA ARG A 132 20.65 -10.77 -9.13
C ARG A 132 19.61 -10.16 -10.08
N ARG A 133 18.44 -9.82 -9.54
CA ARG A 133 17.38 -9.17 -10.29
C ARG A 133 17.03 -7.85 -9.59
N LEU A 134 15.90 -7.75 -8.88
CA LEU A 134 15.47 -6.52 -8.20
C LEU A 134 15.49 -5.34 -9.18
N TYR A 135 15.03 -5.58 -10.39
CA TYR A 135 15.25 -4.60 -11.47
C TYR A 135 14.53 -3.29 -11.14
N GLY A 136 15.24 -2.18 -11.30
CA GLY A 136 14.63 -0.88 -11.52
C GLY A 136 14.69 -0.51 -12.99
N GLN A 137 14.58 0.77 -13.33
CA GLN A 137 14.48 1.17 -14.73
C GLN A 137 15.51 2.25 -15.06
N THR A 138 16.01 2.21 -16.29
CA THR A 138 16.54 3.38 -16.96
C THR A 138 15.44 3.95 -17.85
N VAL A 139 15.33 5.28 -17.86
CA VAL A 139 14.20 5.97 -18.48
C VAL A 139 14.76 7.16 -19.26
N PRO A 140 14.32 7.36 -20.51
CA PRO A 140 14.84 8.48 -21.29
C PRO A 140 14.28 9.82 -20.76
N SER A 141 15.17 10.80 -20.58
CA SER A 141 14.77 12.17 -20.23
C SER A 141 14.10 12.84 -21.42
N GLU A 142 13.27 13.84 -21.16
CA GLU A 142 12.73 14.69 -22.23
C GLU A 142 13.77 15.75 -22.62
N MET A 143 14.90 15.81 -21.90
CA MET A 143 15.94 16.80 -22.12
C MET A 143 17.18 16.12 -22.71
N ARG A 144 17.95 16.87 -23.50
CA ARG A 144 19.29 16.43 -23.91
C ARG A 144 20.21 16.47 -22.68
N ASP A 145 21.26 15.65 -22.71
CA ASP A 145 22.30 15.64 -21.70
C ASP A 145 21.77 15.44 -20.29
N LYS A 146 20.85 14.51 -20.16
CA LYS A 146 20.22 14.21 -18.89
C LYS A 146 19.73 12.76 -18.91
N GLU A 147 19.82 12.07 -17.78
CA GLU A 147 19.39 10.67 -17.70
C GLU A 147 18.54 10.44 -16.45
N LEU A 148 17.58 9.53 -16.56
CA LEU A 148 16.62 9.21 -15.49
C LEU A 148 16.79 7.74 -15.07
N PHE A 149 16.61 7.49 -13.77
CA PHE A 149 16.79 6.15 -13.21
C PHE A 149 15.76 5.90 -12.11
N THR A 150 15.38 4.64 -11.92
CA THR A 150 14.67 4.24 -10.70
C THR A 150 15.43 3.09 -10.05
N PHE A 151 15.44 3.08 -8.71
CA PHE A 151 16.08 2.04 -7.93
C PHE A 151 15.14 1.57 -6.83
N ARG A 152 15.16 0.28 -6.54
CA ARG A 152 14.42 -0.26 -5.40
C ARG A 152 15.30 -0.14 -4.16
N ARG A 153 14.79 0.49 -3.10
CA ARG A 153 15.55 0.64 -1.85
C ARG A 153 14.82 -0.10 -0.71
N PRO A 154 15.59 -0.61 0.24
CA PRO A 154 14.98 -1.25 1.40
C PRO A 154 14.23 -0.19 2.23
N LEU A 155 13.21 -0.63 2.95
CA LEU A 155 12.36 0.26 3.72
C LEU A 155 12.98 0.53 5.09
N GLY A 156 13.55 -0.50 5.73
CA GLY A 156 14.19 -0.34 7.04
C GLY A 156 13.97 -1.54 7.93
N VAL A 157 13.27 -1.32 9.05
CA VAL A 157 12.93 -2.39 9.97
C VAL A 157 11.48 -2.82 9.73
N VAL A 158 11.30 -4.11 9.50
CA VAL A 158 10.01 -4.72 9.22
C VAL A 158 9.52 -5.46 10.48
N GLY A 159 8.32 -5.11 10.93
CA GLY A 159 7.63 -5.88 11.93
C GLY A 159 6.73 -6.93 11.28
N ILE A 160 6.87 -8.18 11.71
CA ILE A 160 6.09 -9.29 11.15
C ILE A 160 5.33 -10.02 12.26
N ILE A 161 4.01 -10.16 12.12
CA ILE A 161 3.22 -10.97 13.05
C ILE A 161 2.48 -12.04 12.25
N THR A 162 2.58 -13.30 12.66
CA THR A 162 2.04 -14.40 11.87
C THR A 162 1.19 -15.36 12.73
N ALA A 163 0.21 -15.93 12.05
CA ALA A 163 -0.59 -17.03 12.55
C ALA A 163 0.26 -18.30 12.55
N GLY A 164 -0.31 -19.38 13.07
CA GLY A 164 0.40 -20.63 13.24
C GLY A 164 -0.20 -21.78 12.45
N ASN A 165 -1.23 -21.54 11.64
CA ASN A 165 -1.83 -22.61 10.84
C ASN A 165 -0.89 -23.02 9.68
N PHE A 166 -0.01 -22.13 9.25
CA PHE A 166 1.03 -22.46 8.27
C PHE A 166 2.39 -22.00 8.83
N PRO A 167 2.88 -22.70 9.84
CA PRO A 167 3.92 -22.12 10.70
C PRO A 167 5.29 -21.93 10.03
N ILE A 168 5.56 -22.54 8.88
CA ILE A 168 6.84 -22.33 8.18
C ILE A 168 6.59 -21.56 6.87
N ALA A 169 5.61 -22.02 6.08
CA ALA A 169 5.31 -21.44 4.77
C ALA A 169 5.01 -19.94 4.89
N VAL A 170 4.03 -19.61 5.70
CA VAL A 170 3.47 -18.26 5.69
C VAL A 170 4.51 -17.27 6.22
N PRO A 171 5.21 -17.62 7.29
CA PRO A 171 6.32 -16.74 7.70
C PRO A 171 7.41 -16.59 6.62
N SER A 172 7.71 -17.66 5.90
CA SER A 172 8.75 -17.60 4.84
C SER A 172 8.36 -16.60 3.74
N TRP A 173 7.05 -16.42 3.50
CA TRP A 173 6.56 -15.48 2.48
C TRP A 173 6.94 -14.05 2.83
N LYS A 174 7.15 -13.77 4.11
CA LYS A 174 7.45 -12.44 4.59
C LYS A 174 8.94 -12.29 4.91
N LEU A 175 9.47 -13.22 5.71
CA LEU A 175 10.86 -13.14 6.20
C LEU A 175 11.84 -13.11 5.02
N ILE A 176 11.62 -13.95 4.03
CA ILE A 176 12.61 -14.17 2.97
C ILE A 176 12.71 -12.95 2.05
N PRO A 177 11.58 -12.48 1.47
CA PRO A 177 11.72 -11.29 0.63
C PRO A 177 12.12 -10.04 1.45
N ALA A 178 11.70 -9.97 2.71
CA ALA A 178 12.08 -8.87 3.57
C ALA A 178 13.62 -8.79 3.69
N VAL A 179 14.28 -9.90 3.98
CA VAL A 179 15.74 -9.81 4.18
C VAL A 179 16.43 -9.71 2.81
N LEU A 180 15.88 -10.32 1.76
CA LEU A 180 16.53 -10.30 0.45
C LEU A 180 16.62 -8.86 -0.06
N THR A 181 15.57 -8.07 0.19
CA THR A 181 15.47 -6.69 -0.28
C THR A 181 16.27 -5.75 0.62
N GLY A 182 16.94 -6.29 1.64
CA GLY A 182 17.92 -5.54 2.43
C GLY A 182 17.33 -4.98 3.72
N ASN A 183 16.12 -5.41 4.07
CA ASN A 183 15.50 -5.00 5.31
C ASN A 183 15.99 -5.90 6.45
N THR A 184 15.69 -5.43 7.65
CA THR A 184 15.88 -6.22 8.84
C THR A 184 14.52 -6.40 9.51
N VAL A 185 14.42 -7.37 10.41
CA VAL A 185 13.13 -7.90 10.80
C VAL A 185 13.05 -8.09 12.33
N VAL A 186 11.89 -7.74 12.87
CA VAL A 186 11.44 -8.23 14.15
C VAL A 186 10.21 -9.11 13.92
N TRP A 187 10.26 -10.35 14.40
CA TRP A 187 9.21 -11.32 14.13
C TRP A 187 8.56 -11.81 15.43
N LYS A 188 7.24 -11.66 15.52
CA LYS A 188 6.45 -12.19 16.62
C LYS A 188 5.66 -13.39 16.09
N PRO A 189 6.17 -14.62 16.30
CA PRO A 189 5.46 -15.80 15.80
C PRO A 189 4.21 -16.13 16.62
N SER A 190 3.29 -16.86 16.01
CA SER A 190 2.17 -17.45 16.73
C SER A 190 2.67 -18.27 17.92
N GLU A 191 1.97 -18.14 19.04
CA GLU A 191 2.26 -18.95 20.24
C GLU A 191 1.82 -20.41 20.01
N ASP A 192 1.20 -20.70 18.87
CA ASP A 192 0.91 -22.09 18.48
C ASP A 192 2.11 -22.80 17.84
N ALA A 193 3.16 -22.07 17.45
CA ALA A 193 4.29 -22.70 16.73
C ALA A 193 5.63 -22.07 17.11
N PRO A 194 5.90 -21.94 18.42
CA PRO A 194 7.15 -21.31 18.86
C PRO A 194 8.41 -22.12 18.52
N THR A 195 8.35 -23.45 18.59
CA THR A 195 9.53 -24.29 18.35
C THR A 195 9.96 -24.21 16.89
N LEU A 196 9.00 -24.38 15.98
CA LEU A 196 9.26 -24.26 14.55
C LEU A 196 9.87 -22.90 14.22
N SER A 197 9.38 -21.87 14.88
CA SER A 197 9.79 -20.50 14.62
C SER A 197 11.23 -20.31 15.07
N PHE A 198 11.53 -20.78 16.28
CA PHE A 198 12.89 -20.73 16.85
C PHE A 198 13.87 -21.44 15.90
N VAL A 199 13.51 -22.65 15.49
CA VAL A 199 14.35 -23.47 14.63
C VAL A 199 14.56 -22.75 13.29
N PHE A 200 13.50 -22.19 12.72
CA PHE A 200 13.59 -21.51 11.43
C PHE A 200 14.60 -20.36 11.56
N ALA A 201 14.50 -19.60 12.63
CA ALA A 201 15.46 -18.51 12.88
C ALA A 201 16.90 -19.06 12.93
N LYS A 202 17.08 -20.22 13.55
CA LYS A 202 18.42 -20.82 13.71
C LYS A 202 18.95 -21.31 12.35
N LEU A 203 18.07 -21.76 11.48
CA LEU A 203 18.47 -22.18 10.14
C LEU A 203 18.93 -20.95 9.33
N PHE A 204 18.24 -19.82 9.49
CA PHE A 204 18.69 -18.56 8.87
C PHE A 204 20.10 -18.23 9.35
N GLU A 205 20.35 -18.44 10.64
CA GLU A 205 21.64 -18.14 11.24
C GLU A 205 22.71 -19.04 10.63
N GLU A 206 22.44 -20.35 10.57
CA GLU A 206 23.36 -21.32 9.95
C GLU A 206 23.64 -20.94 8.48
N ALA A 207 22.63 -20.40 7.79
CA ALA A 207 22.77 -20.03 6.39
C ALA A 207 23.71 -18.82 6.22
N GLY A 208 23.97 -18.07 7.30
CA GLY A 208 24.88 -16.95 7.25
C GLY A 208 24.20 -15.59 7.41
N LEU A 209 22.93 -15.57 7.82
CA LEU A 209 22.27 -14.28 8.07
C LEU A 209 22.95 -13.60 9.28
N PRO A 210 23.41 -12.36 9.11
CA PRO A 210 24.10 -11.68 10.20
C PRO A 210 23.19 -11.52 11.43
N PRO A 211 23.80 -11.52 12.62
CA PRO A 211 23.02 -11.41 13.86
C PRO A 211 22.31 -10.06 13.96
N GLY A 212 21.02 -10.08 14.27
CA GLY A 212 20.24 -8.87 14.43
C GLY A 212 19.43 -8.50 13.19
N VAL A 213 19.71 -9.17 12.06
CA VAL A 213 18.93 -8.94 10.86
C VAL A 213 17.57 -9.62 11.04
N LEU A 214 17.56 -10.74 11.76
CA LEU A 214 16.32 -11.38 12.19
C LEU A 214 16.31 -11.48 13.72
N ASN A 215 15.31 -10.84 14.34
CA ASN A 215 15.06 -10.94 15.76
C ASN A 215 13.67 -11.54 15.96
N VAL A 216 13.58 -12.45 16.92
CA VAL A 216 12.34 -13.17 17.18
C VAL A 216 11.93 -12.89 18.62
N VAL A 217 10.72 -12.39 18.79
CA VAL A 217 10.17 -12.13 20.11
C VAL A 217 8.89 -12.97 20.26
N PHE A 218 8.93 -13.90 21.20
CA PHE A 218 7.79 -14.78 21.44
C PHE A 218 6.82 -14.11 22.41
N GLY A 219 5.57 -14.56 22.34
CA GLY A 219 4.52 -14.08 23.22
C GLY A 219 3.16 -14.22 22.59
N GLY A 220 2.16 -13.63 23.24
CA GLY A 220 0.78 -13.71 22.79
C GLY A 220 0.44 -12.61 21.81
N GLY A 221 -0.85 -12.35 21.66
CA GLY A 221 -1.38 -11.30 20.80
C GLY A 221 -1.98 -10.17 21.60
N LYS A 222 -3.30 -10.17 21.76
CA LYS A 222 -3.97 -9.08 22.47
C LYS A 222 -3.54 -9.11 23.94
N GLY A 223 -3.27 -7.93 24.50
CA GLY A 223 -2.79 -7.82 25.88
C GLY A 223 -1.40 -8.42 26.07
N SER A 224 -0.68 -8.68 24.99
CA SER A 224 0.61 -9.37 25.07
C SER A 224 1.54 -8.86 23.95
N THR A 225 2.55 -9.66 23.58
CA THR A 225 3.69 -9.20 22.79
C THR A 225 3.23 -8.64 21.43
N GLY A 226 2.29 -9.35 20.79
CA GLY A 226 1.72 -8.91 19.53
C GLY A 226 1.18 -7.50 19.60
N GLN A 227 0.28 -7.25 20.53
CA GLN A 227 -0.31 -5.93 20.66
C GLN A 227 0.81 -4.89 20.88
N TRP A 228 1.78 -5.22 21.75
CA TRP A 228 2.81 -4.25 22.12
C TRP A 228 3.65 -3.90 20.88
N MET A 229 3.94 -4.91 20.07
CA MET A 229 4.70 -4.70 18.85
C MET A 229 3.95 -3.78 17.86
N VAL A 230 2.63 -3.93 17.72
CA VAL A 230 1.85 -3.06 16.83
C VAL A 230 1.93 -1.61 17.35
N GLU A 231 1.83 -1.44 18.66
CA GLU A 231 1.88 -0.12 19.28
C GLU A 231 3.22 0.58 19.01
N LEU A 232 4.29 -0.19 18.84
CA LEU A 232 5.61 0.42 18.64
C LEU A 232 5.70 1.11 17.26
N MET A 233 4.75 0.89 16.36
CA MET A 233 4.69 1.68 15.12
C MET A 233 4.51 3.17 15.48
N ASP A 234 3.81 3.45 16.58
CA ASP A 234 3.61 4.82 17.04
C ASP A 234 4.91 5.48 17.54
N GLU A 235 5.97 4.68 17.72
CA GLU A 235 7.24 5.20 18.22
C GLU A 235 8.27 5.25 17.11
N GLY A 236 7.89 4.97 15.87
CA GLY A 236 8.77 5.16 14.70
C GLY A 236 9.77 4.03 14.52
N LEU A 237 9.56 2.88 15.17
CA LEU A 237 10.55 1.80 15.18
C LEU A 237 10.37 0.85 13.99
N PHE A 238 9.28 1.00 13.23
CA PHE A 238 9.04 0.13 12.08
C PHE A 238 8.76 0.96 10.84
N GLN A 239 9.43 0.60 9.74
CA GLN A 239 9.20 1.27 8.46
C GLN A 239 8.26 0.43 7.59
N LYS A 240 7.94 -0.76 8.05
CA LYS A 240 7.03 -1.66 7.37
C LYS A 240 6.40 -2.60 8.39
N PHE A 241 5.18 -3.04 8.12
CA PHE A 241 4.54 -4.06 8.94
C PHE A 241 3.84 -5.07 8.04
N ALA A 242 3.91 -6.34 8.40
CA ALA A 242 3.28 -7.43 7.65
C ALA A 242 2.58 -8.38 8.61
N PHE A 243 1.33 -8.70 8.30
CA PHE A 243 0.46 -9.42 9.22
C PHE A 243 -0.32 -10.50 8.45
N THR A 244 -0.37 -11.68 9.05
CA THR A 244 -1.27 -12.73 8.62
C THR A 244 -2.12 -13.15 9.82
N GLY A 245 -3.44 -13.07 9.68
CA GLY A 245 -4.34 -13.38 10.78
C GLY A 245 -5.77 -12.95 10.50
N SER A 246 -6.50 -12.62 11.57
CA SER A 246 -7.92 -12.31 11.47
C SER A 246 -8.15 -10.89 10.93
N THR A 247 -9.30 -10.72 10.30
CA THR A 247 -9.72 -9.44 9.77
C THR A 247 -9.84 -8.41 10.90
N GLN A 248 -10.41 -8.84 12.01
CA GLN A 248 -10.63 -7.99 13.18
C GLN A 248 -9.31 -7.33 13.60
N VAL A 249 -8.26 -8.14 13.76
CA VAL A 249 -6.95 -7.64 14.19
C VAL A 249 -6.32 -6.83 13.04
N GLY A 250 -6.53 -7.28 11.81
CA GLY A 250 -5.98 -6.62 10.64
C GLY A 250 -6.44 -5.17 10.50
N ARG A 251 -7.71 -4.94 10.77
CA ARG A 251 -8.30 -3.60 10.71
C ARG A 251 -7.53 -2.68 11.69
N TRP A 252 -7.28 -3.18 12.89
CA TRP A 252 -6.57 -2.37 13.88
C TRP A 252 -5.12 -2.13 13.42
N ILE A 253 -4.46 -3.17 12.92
CA ILE A 253 -3.07 -3.01 12.48
C ILE A 253 -3.01 -2.01 11.31
N GLY A 254 -4.00 -2.06 10.41
CA GLY A 254 -4.06 -1.15 9.28
C GLY A 254 -4.21 0.29 9.75
N GLU A 255 -5.00 0.48 10.78
CA GLU A 255 -5.24 1.79 11.35
C GLU A 255 -3.94 2.37 11.94
N VAL A 256 -3.25 1.57 12.74
CA VAL A 256 -2.03 2.02 13.40
C VAL A 256 -0.97 2.30 12.33
N ALA A 257 -0.85 1.38 11.37
CA ALA A 257 0.09 1.53 10.26
C ALA A 257 -0.21 2.82 9.48
N GLY A 258 -1.50 3.02 9.18
CA GLY A 258 -1.98 4.18 8.43
C GLY A 258 -1.55 5.50 9.05
N ARG A 259 -1.77 5.69 10.35
CA ARG A 259 -1.44 6.98 10.97
C ARG A 259 0.09 7.17 10.99
N ASN A 260 0.88 6.10 10.90
CA ASN A 260 2.34 6.20 10.89
C ASN A 260 2.88 6.14 9.45
N LEU A 261 2.01 6.33 8.46
CA LEU A 261 2.39 6.39 7.03
C LEU A 261 3.15 5.13 6.60
N ILE A 262 2.75 3.99 7.17
CA ILE A 262 3.24 2.69 6.74
C ILE A 262 2.17 2.05 5.89
N ARG A 263 2.62 1.40 4.82
CA ARG A 263 1.79 0.59 3.96
C ARG A 263 1.94 -0.87 4.40
N PRO A 264 0.98 -1.39 5.18
CA PRO A 264 1.14 -2.77 5.70
C PRO A 264 0.65 -3.87 4.75
N THR A 265 1.32 -5.02 4.81
CA THR A 265 0.82 -6.22 4.17
C THR A 265 -0.17 -6.88 5.13
N LEU A 266 -1.42 -7.00 4.71
CA LEU A 266 -2.48 -7.58 5.52
C LEU A 266 -3.13 -8.73 4.75
N GLU A 267 -2.84 -9.94 5.19
CA GLU A 267 -3.42 -11.16 4.66
C GLU A 267 -4.42 -11.68 5.68
N LEU A 268 -5.70 -11.54 5.39
CA LEU A 268 -6.73 -11.71 6.42
C LEU A 268 -7.63 -12.89 6.06
N GLY A 269 -8.85 -12.91 6.57
CA GLY A 269 -9.70 -14.09 6.47
C GLY A 269 -10.33 -14.28 5.10
N GLY A 270 -11.12 -15.35 5.00
CA GLY A 270 -11.87 -15.65 3.81
C GLY A 270 -13.20 -16.31 4.14
N LYS A 271 -14.13 -16.17 3.21
CA LYS A 271 -15.30 -17.01 3.15
C LYS A 271 -15.45 -17.47 1.70
N ASN A 272 -14.68 -18.48 1.36
CA ASN A 272 -14.31 -18.76 -0.02
C ASN A 272 -15.41 -19.58 -0.70
N PRO A 273 -16.02 -19.03 -1.77
CA PRO A 273 -17.06 -19.73 -2.53
C PRO A 273 -16.47 -20.70 -3.56
N LEU A 274 -17.09 -21.88 -3.66
CA LEU A 274 -16.77 -22.88 -4.67
C LEU A 274 -18.07 -23.23 -5.41
N VAL A 275 -18.13 -22.90 -6.71
CA VAL A 275 -19.35 -23.08 -7.52
C VAL A 275 -19.25 -24.41 -8.27
N VAL A 276 -20.36 -25.14 -8.34
CA VAL A 276 -20.45 -26.34 -9.18
C VAL A 276 -21.63 -26.16 -10.15
N MET A 277 -21.31 -26.00 -11.43
CA MET A 277 -22.34 -25.81 -12.46
C MET A 277 -22.85 -27.18 -12.93
N ARG A 278 -24.06 -27.15 -13.51
CA ARG A 278 -24.80 -28.35 -13.98
C ARG A 278 -23.92 -29.25 -14.85
N ASP A 279 -23.00 -28.66 -15.63
CA ASP A 279 -22.14 -29.43 -16.54
C ASP A 279 -20.80 -29.90 -15.97
N ALA A 280 -20.60 -29.81 -14.66
CA ALA A 280 -19.30 -30.15 -14.08
C ALA A 280 -19.08 -31.65 -14.12
N ASP A 281 -17.81 -32.06 -14.20
CA ASP A 281 -17.42 -33.40 -13.82
C ASP A 281 -17.72 -33.56 -12.33
N LEU A 282 -18.76 -34.32 -12.01
CA LEU A 282 -19.33 -34.30 -10.66
C LEU A 282 -18.34 -34.89 -9.64
N ASP A 283 -17.73 -36.02 -9.97
CA ASP A 283 -16.79 -36.65 -9.02
C ASP A 283 -15.53 -35.80 -8.79
N LEU A 284 -15.09 -35.06 -9.79
CA LEU A 284 -13.97 -34.14 -9.64
C LEU A 284 -14.38 -32.99 -8.71
N ALA A 285 -15.59 -32.48 -8.90
CA ALA A 285 -16.08 -31.33 -8.15
C ALA A 285 -16.31 -31.71 -6.68
N VAL A 286 -16.84 -32.90 -6.46
CA VAL A 286 -17.04 -33.44 -5.11
C VAL A 286 -15.68 -33.55 -4.41
N GLU A 287 -14.70 -34.12 -5.09
CA GLU A 287 -13.37 -34.30 -4.50
C GLU A 287 -12.78 -32.93 -4.18
N GLY A 288 -12.97 -31.95 -5.07
CA GLY A 288 -12.42 -30.62 -4.89
C GLY A 288 -13.08 -29.87 -3.75
N ALA A 289 -14.40 -29.94 -3.69
CA ALA A 289 -15.16 -29.36 -2.59
C ALA A 289 -14.74 -30.01 -1.25
N TRP A 290 -14.62 -31.33 -1.24
CA TRP A 290 -14.28 -32.09 -0.03
C TRP A 290 -12.91 -31.62 0.50
N TRP A 291 -11.93 -31.57 -0.37
CA TRP A 291 -10.56 -31.19 -0.01
C TRP A 291 -10.50 -29.70 0.37
N SER A 292 -11.24 -28.86 -0.34
CA SER A 292 -11.33 -27.44 -0.03
C SER A 292 -11.82 -27.26 1.41
N ALA A 293 -12.73 -28.14 1.82
CA ALA A 293 -13.41 -27.99 3.11
C ALA A 293 -12.55 -28.55 4.24
N PHE A 294 -11.94 -29.71 4.04
CA PHE A 294 -11.42 -30.48 5.18
C PHE A 294 -9.89 -30.59 5.17
N ALA A 295 -9.20 -30.01 4.20
CA ALA A 295 -7.74 -29.92 4.30
C ALA A 295 -7.41 -29.11 5.55
N THR A 296 -6.44 -29.58 6.35
CA THR A 296 -6.03 -28.91 7.61
C THR A 296 -7.23 -28.78 8.56
N GLY A 297 -8.20 -29.68 8.45
CA GLY A 297 -9.41 -29.62 9.26
C GLY A 297 -10.15 -28.31 9.08
N GLY A 298 -10.10 -27.75 7.88
CA GLY A 298 -10.79 -26.49 7.57
C GLY A 298 -10.14 -25.29 8.27
N GLN A 299 -8.85 -25.37 8.58
CA GLN A 299 -8.17 -24.27 9.28
C GLN A 299 -7.20 -23.53 8.33
N ARG A 300 -7.60 -23.37 7.06
CA ARG A 300 -6.86 -22.52 6.13
C ARG A 300 -7.65 -21.24 5.86
N CYS A 301 -6.92 -20.14 5.65
CA CYS A 301 -7.53 -18.89 5.15
C CYS A 301 -8.39 -19.19 3.90
N THR A 302 -7.93 -20.15 3.09
CA THR A 302 -8.52 -20.44 1.79
C THR A 302 -9.52 -21.60 1.86
N SER A 303 -9.73 -22.21 3.02
CA SER A 303 -10.73 -23.30 3.14
C SER A 303 -12.08 -22.84 2.56
N ALA A 304 -12.80 -23.74 1.91
CA ALA A 304 -14.10 -23.38 1.33
C ALA A 304 -15.08 -22.98 2.44
N GLY A 305 -15.80 -21.89 2.23
CA GLY A 305 -16.86 -21.46 3.15
C GLY A 305 -18.24 -21.94 2.71
N ASN A 306 -18.49 -21.87 1.41
CA ASN A 306 -19.80 -22.18 0.83
C ASN A 306 -19.61 -22.92 -0.49
N ILE A 307 -20.26 -24.08 -0.64
CA ILE A 307 -20.36 -24.75 -1.94
C ILE A 307 -21.67 -24.32 -2.61
N LEU A 308 -21.57 -23.61 -3.74
CA LEU A 308 -22.76 -23.11 -4.42
C LEU A 308 -23.07 -24.07 -5.58
N VAL A 309 -24.20 -24.81 -5.47
CA VAL A 309 -24.44 -25.91 -6.39
C VAL A 309 -25.63 -25.56 -7.28
N ASP A 310 -25.41 -25.71 -8.59
CA ASP A 310 -26.40 -25.41 -9.62
C ASP A 310 -27.60 -26.34 -9.45
N ALA A 311 -28.80 -25.76 -9.54
CA ALA A 311 -30.06 -26.43 -9.15
C ALA A 311 -30.21 -27.83 -9.77
N PRO A 312 -29.96 -27.96 -11.09
CA PRO A 312 -30.18 -29.27 -11.73
C PRO A 312 -29.34 -30.45 -11.21
N ILE A 313 -28.25 -30.19 -10.49
CA ILE A 313 -27.43 -31.28 -9.97
C ILE A 313 -27.38 -31.21 -8.44
N TYR A 314 -28.21 -30.38 -7.82
CA TYR A 314 -28.11 -30.14 -6.39
C TYR A 314 -28.24 -31.46 -5.62
N GLU A 315 -29.34 -32.18 -5.83
CA GLU A 315 -29.64 -33.38 -5.06
C GLU A 315 -28.56 -34.43 -5.29
N GLU A 316 -28.11 -34.57 -6.53
CA GLU A 316 -27.14 -35.60 -6.85
C GLU A 316 -25.77 -35.22 -6.26
N PHE A 317 -25.42 -33.94 -6.27
CA PHE A 317 -24.16 -33.48 -5.71
C PHE A 317 -24.15 -33.69 -4.19
N LYS A 318 -25.24 -33.26 -3.53
CA LYS A 318 -25.37 -33.44 -2.09
C LYS A 318 -25.10 -34.90 -1.70
N ARG A 319 -25.75 -35.82 -2.39
CA ARG A 319 -25.71 -37.23 -2.06
C ARG A 319 -24.26 -37.72 -2.12
N ARG A 320 -23.57 -37.42 -3.22
CA ARG A 320 -22.19 -37.87 -3.39
C ARG A 320 -21.25 -37.12 -2.44
N PHE A 321 -21.55 -35.85 -2.17
CA PHE A 321 -20.71 -35.05 -1.27
C PHE A 321 -20.77 -35.65 0.14
N LEU A 322 -21.98 -35.93 0.64
CA LEU A 322 -22.15 -36.55 1.97
C LEU A 322 -21.49 -37.93 2.02
N GLU A 323 -21.54 -38.69 0.93
CA GLU A 323 -20.86 -40.00 0.92
C GLU A 323 -19.36 -39.79 1.10
N ARG A 324 -18.81 -38.76 0.44
CA ARG A 324 -17.38 -38.49 0.48
C ARG A 324 -17.00 -37.94 1.86
N VAL A 325 -17.84 -37.09 2.43
CA VAL A 325 -17.56 -36.52 3.76
C VAL A 325 -17.57 -37.63 4.81
N GLU A 326 -18.51 -38.57 4.69
CA GLU A 326 -18.63 -39.70 5.62
C GLU A 326 -17.32 -40.52 5.65
N ALA A 327 -16.60 -40.59 4.54
CA ALA A 327 -15.36 -41.40 4.46
C ALA A 327 -14.14 -40.68 5.04
N THR A 328 -14.30 -39.48 5.57
CA THR A 328 -13.18 -38.69 6.10
C THR A 328 -12.57 -39.38 7.34
N LEU A 329 -11.28 -39.68 7.29
CA LEU A 329 -10.57 -40.17 8.47
C LEU A 329 -10.12 -38.97 9.31
N VAL A 330 -10.23 -39.09 10.63
CA VAL A 330 -9.80 -38.05 11.57
C VAL A 330 -8.99 -38.69 12.69
N GLY A 331 -7.94 -38.03 13.18
CA GLY A 331 -7.19 -38.63 14.29
C GLY A 331 -5.84 -37.97 14.52
N ASN A 332 -5.11 -38.52 15.47
CA ASN A 332 -3.77 -38.08 15.81
C ASN A 332 -2.85 -38.42 14.64
N PRO A 333 -2.42 -37.41 13.88
CA PRO A 333 -1.64 -37.68 12.65
C PRO A 333 -0.20 -38.16 12.92
N LEU A 334 0.27 -38.00 14.16
CA LEU A 334 1.59 -38.51 14.53
C LEU A 334 1.53 -40.04 14.69
N LEU A 335 0.39 -40.58 15.13
CA LEU A 335 0.21 -42.04 15.30
C LEU A 335 -0.51 -42.63 14.08
N HIS A 336 -1.27 -41.81 13.34
CA HIS A 336 -2.03 -42.28 12.18
C HIS A 336 -1.89 -41.29 11.02
N PRO A 337 -0.76 -41.37 10.28
CA PRO A 337 -0.44 -40.39 9.25
C PRO A 337 -1.36 -40.46 8.02
N GLU A 338 -2.26 -41.44 7.97
CA GLU A 338 -3.19 -41.63 6.86
C GLU A 338 -4.47 -40.79 7.04
N VAL A 339 -4.64 -40.11 8.17
CA VAL A 339 -5.89 -39.35 8.41
C VAL A 339 -5.97 -38.15 7.46
N THR A 340 -7.18 -37.69 7.19
CA THR A 340 -7.37 -36.48 6.43
C THR A 340 -6.98 -35.26 7.26
N TYR A 341 -7.45 -35.20 8.50
CA TYR A 341 -7.10 -34.10 9.38
C TYR A 341 -7.04 -34.56 10.84
N GLY A 342 -6.40 -33.73 11.66
CA GLY A 342 -6.21 -33.99 13.08
C GLY A 342 -6.95 -32.98 13.92
N PRO A 343 -6.29 -32.48 14.97
CA PRO A 343 -6.98 -31.64 15.94
C PRO A 343 -7.12 -30.17 15.50
N PHE A 344 -7.95 -29.43 16.21
CA PHE A 344 -7.86 -27.99 16.20
C PHE A 344 -6.47 -27.58 16.72
N ILE A 345 -5.90 -26.55 16.11
CA ILE A 345 -4.56 -26.08 16.44
C ILE A 345 -4.53 -25.51 17.87
N ASN A 346 -5.62 -24.89 18.29
CA ASN A 346 -5.70 -24.26 19.60
C ASN A 346 -7.16 -24.23 20.07
N GLU A 347 -7.36 -23.82 21.32
CA GLU A 347 -8.70 -23.83 21.95
C GLU A 347 -9.59 -22.71 21.37
N ARG A 348 -9.02 -21.59 20.92
CA ARG A 348 -9.80 -20.48 20.32
C ARG A 348 -10.59 -20.99 19.11
N PHE A 349 -9.91 -21.68 18.20
CA PHE A 349 -10.56 -22.18 16.99
C PHE A 349 -11.65 -23.18 17.39
N PHE A 350 -11.32 -24.04 18.35
CA PHE A 350 -12.29 -25.02 18.82
C PHE A 350 -13.53 -24.30 19.37
N ALA A 351 -13.32 -23.28 20.20
CA ALA A 351 -14.41 -22.61 20.89
C ALA A 351 -15.37 -21.95 19.89
N ARG A 352 -14.81 -21.23 18.92
CA ARG A 352 -15.61 -20.50 17.94
C ARG A 352 -16.40 -21.52 17.09
N TRP A 353 -15.73 -22.62 16.77
CA TRP A 353 -16.37 -23.68 15.98
C TRP A 353 -17.54 -24.30 16.75
N GLN A 354 -17.37 -24.54 18.05
CA GLN A 354 -18.45 -25.11 18.85
C GLN A 354 -19.66 -24.17 18.82
N GLU A 355 -19.42 -22.86 18.92
CA GLU A 355 -20.50 -21.88 18.94
C GLU A 355 -21.24 -21.84 17.60
N HIS A 356 -20.59 -22.19 16.48
CA HIS A 356 -21.22 -22.05 15.16
C HIS A 356 -22.44 -22.98 15.05
N TYR A 357 -22.41 -24.08 15.80
CA TYR A 357 -23.60 -24.96 15.89
C TYR A 357 -24.80 -24.22 16.49
N ARG A 358 -24.58 -23.50 17.59
CA ARG A 358 -25.65 -22.76 18.26
C ARG A 358 -26.17 -21.64 17.34
N VAL A 359 -25.27 -20.94 16.66
CA VAL A 359 -25.66 -19.84 15.77
C VAL A 359 -26.44 -20.40 14.58
N GLY A 360 -25.98 -21.53 14.05
CA GLY A 360 -26.64 -22.20 12.95
C GLY A 360 -28.08 -22.58 13.30
N GLU A 361 -28.26 -23.24 14.45
CA GLU A 361 -29.60 -23.63 14.92
C GLU A 361 -30.45 -22.36 15.11
N ALA A 362 -29.90 -21.35 15.76
CA ALA A 362 -30.66 -20.14 16.07
C ALA A 362 -31.19 -19.45 14.80
N GLU A 363 -30.50 -19.55 13.66
CA GLU A 363 -30.96 -18.80 12.47
C GLU A 363 -31.63 -19.75 11.47
N GLY A 364 -31.72 -21.04 11.80
CA GLY A 364 -32.55 -21.96 11.04
C GLY A 364 -31.79 -22.66 9.93
N ALA A 365 -30.47 -22.69 9.97
CA ALA A 365 -29.70 -23.51 9.05
C ALA A 365 -30.06 -24.98 9.29
N ARG A 366 -30.01 -25.79 8.24
CA ARG A 366 -30.34 -27.21 8.32
C ARG A 366 -29.04 -27.98 8.45
N LEU A 367 -28.85 -28.67 9.58
CA LEU A 367 -27.65 -29.47 9.82
C LEU A 367 -27.81 -30.82 9.13
N LEU A 368 -26.96 -31.12 8.15
CA LEU A 368 -27.02 -32.38 7.41
C LEU A 368 -26.12 -33.44 8.04
N PHE A 369 -25.03 -33.05 8.70
CA PHE A 369 -24.01 -34.01 9.17
C PHE A 369 -23.11 -33.31 10.20
N GLY A 370 -22.76 -34.02 11.27
CA GLY A 370 -21.86 -33.51 12.31
C GLY A 370 -22.52 -33.44 13.68
N ARG A 371 -21.78 -33.83 14.70
CA ARG A 371 -22.29 -33.84 16.08
C ARG A 371 -21.31 -33.12 17.02
N GLY A 372 -20.58 -32.12 16.54
CA GLY A 372 -19.73 -31.29 17.41
C GLY A 372 -18.44 -31.99 17.78
N ARG A 373 -17.97 -31.78 19.01
CA ARG A 373 -16.69 -32.33 19.44
C ARG A 373 -16.73 -33.86 19.41
N ILE A 374 -15.67 -34.47 18.91
CA ILE A 374 -15.51 -35.91 18.96
C ILE A 374 -14.96 -36.26 20.34
N THR A 375 -15.70 -37.12 21.07
CA THR A 375 -15.33 -37.57 22.41
C THR A 375 -15.54 -39.09 22.50
N ARG A 376 -15.10 -39.69 23.61
CA ARG A 376 -15.39 -41.12 23.85
C ARG A 376 -16.92 -41.29 23.91
N GLU A 377 -17.59 -40.30 24.49
CA GLU A 377 -19.02 -40.32 24.66
C GLU A 377 -19.75 -40.00 23.35
N ASN A 378 -19.16 -39.16 22.49
CA ASN A 378 -19.77 -38.77 21.21
C ASN A 378 -18.80 -39.14 20.08
N PRO A 379 -18.58 -40.45 19.87
CA PRO A 379 -17.51 -40.92 19.00
C PRO A 379 -17.84 -40.68 17.51
N TYR A 380 -16.78 -40.63 16.71
CA TYR A 380 -16.88 -40.50 15.26
C TYR A 380 -16.48 -41.85 14.65
N PRO A 381 -17.28 -42.40 13.73
CA PRO A 381 -17.04 -43.76 13.25
C PRO A 381 -15.66 -43.96 12.59
N ARG A 382 -15.07 -42.92 12.01
CA ARG A 382 -13.78 -43.11 11.35
C ARG A 382 -12.69 -42.32 12.08
N PHE A 383 -12.78 -42.27 13.40
CA PHE A 383 -11.72 -41.68 14.22
C PHE A 383 -10.66 -42.75 14.54
N LEU A 384 -9.39 -42.38 14.47
CA LEU A 384 -8.29 -43.27 14.83
C LEU A 384 -7.54 -42.72 16.05
N GLY A 385 -7.62 -43.41 17.18
CA GLY A 385 -6.89 -43.04 18.40
C GLY A 385 -7.81 -42.45 19.44
N ASP A 386 -7.23 -41.71 20.39
CA ASP A 386 -7.95 -41.19 21.56
C ASP A 386 -8.42 -39.76 21.35
N PRO A 387 -9.74 -39.57 21.14
CA PRO A 387 -10.27 -38.24 20.82
C PRO A 387 -10.32 -37.26 22.01
N GLU A 388 -9.97 -37.69 23.20
CA GLU A 388 -10.04 -36.81 24.36
C GLU A 388 -8.66 -36.25 24.68
N ALA A 389 -7.60 -36.75 24.03
CA ALA A 389 -6.26 -36.25 24.28
C ALA A 389 -6.10 -34.84 23.67
N GLY A 390 -7.04 -34.46 22.79
CA GLY A 390 -7.05 -33.15 22.21
C GLY A 390 -8.44 -32.75 21.77
N LEU A 391 -8.52 -31.61 21.10
CA LEU A 391 -9.77 -31.05 20.61
C LEU A 391 -9.92 -31.43 19.13
N TYR A 392 -10.85 -32.34 18.83
CA TYR A 392 -11.08 -32.80 17.47
C TYR A 392 -12.55 -32.53 17.10
N GLY A 393 -12.80 -32.28 15.81
CA GLY A 393 -14.14 -31.90 15.35
C GLY A 393 -14.74 -32.89 14.37
N TRP A 394 -16.02 -33.20 14.57
CA TRP A 394 -16.86 -33.89 13.58
C TRP A 394 -16.84 -33.11 12.27
N PRO A 395 -16.64 -33.80 11.14
CA PRO A 395 -16.93 -33.14 9.87
C PRO A 395 -18.37 -32.60 9.90
N THR A 396 -18.59 -31.40 9.40
CA THR A 396 -19.87 -30.71 9.59
C THR A 396 -20.34 -30.11 8.25
N VAL A 397 -21.60 -30.38 7.91
CA VAL A 397 -22.20 -29.91 6.67
C VAL A 397 -23.58 -29.32 6.99
N TRP A 398 -23.81 -28.10 6.50
CA TRP A 398 -25.11 -27.43 6.62
C TRP A 398 -25.67 -27.17 5.23
N GLU A 399 -26.97 -26.88 5.20
CA GLU A 399 -27.58 -26.12 4.13
C GLU A 399 -27.98 -24.76 4.72
N VAL A 400 -27.66 -23.68 4.03
CA VAL A 400 -27.87 -22.35 4.56
C VAL A 400 -28.45 -21.45 3.45
N ARG A 401 -28.98 -20.32 3.87
CA ARG A 401 -29.38 -19.28 2.97
C ARG A 401 -28.34 -18.18 2.98
N PRO A 402 -28.14 -17.51 1.84
CA PRO A 402 -27.39 -16.26 1.77
C PRO A 402 -27.93 -15.24 2.78
N GLY A 403 -27.04 -14.39 3.30
CA GLY A 403 -27.45 -13.35 4.24
C GLY A 403 -27.40 -13.81 5.70
N THR A 404 -27.15 -15.10 5.95
CA THR A 404 -27.06 -15.60 7.32
C THR A 404 -25.62 -15.53 7.81
N ARG A 405 -25.42 -15.74 9.12
CA ARG A 405 -24.11 -15.63 9.74
C ARG A 405 -23.22 -16.81 9.30
N LEU A 406 -23.77 -18.02 9.23
CA LEU A 406 -22.96 -19.17 8.81
C LEU A 406 -22.47 -18.96 7.36
N PHE A 407 -23.25 -18.23 6.57
CA PHE A 407 -22.92 -17.99 5.17
C PHE A 407 -21.83 -16.93 5.03
N THR A 408 -21.88 -15.87 5.84
CA THR A 408 -21.05 -14.68 5.63
C THR A 408 -19.80 -14.68 6.53
N GLU A 409 -19.80 -15.40 7.64
CA GLU A 409 -18.72 -15.26 8.62
C GLU A 409 -17.75 -16.44 8.54
N GLU A 410 -16.46 -16.14 8.60
CA GLU A 410 -15.43 -17.17 8.57
C GLU A 410 -15.53 -18.03 9.84
N VAL A 411 -15.50 -19.35 9.67
CA VAL A 411 -15.44 -20.27 10.81
C VAL A 411 -14.34 -21.30 10.57
N PHE A 412 -13.19 -21.10 11.22
CA PHE A 412 -12.11 -22.07 11.19
C PHE A 412 -12.59 -23.40 11.78
N GLY A 413 -12.18 -24.50 11.15
CA GLY A 413 -12.57 -25.82 11.57
C GLY A 413 -13.36 -26.54 10.48
N PRO A 414 -13.63 -27.82 10.70
CA PRO A 414 -14.17 -28.69 9.68
C PRO A 414 -15.69 -28.49 9.54
N THR A 415 -16.06 -27.44 8.82
CA THR A 415 -17.46 -27.15 8.52
C THR A 415 -17.57 -26.60 7.09
N ILE A 416 -18.74 -26.75 6.50
CA ILE A 416 -18.98 -26.29 5.14
C ILE A 416 -20.50 -26.18 4.96
N ASN A 417 -20.92 -25.26 4.10
CA ASN A 417 -22.32 -25.06 3.77
C ASN A 417 -22.58 -25.46 2.30
N LEU A 418 -23.75 -26.03 2.05
CA LEU A 418 -24.30 -26.17 0.69
C LEU A 418 -25.36 -25.09 0.47
N VAL A 419 -25.35 -24.49 -0.72
CA VAL A 419 -26.31 -23.47 -1.11
C VAL A 419 -26.76 -23.79 -2.54
N LYS A 420 -28.05 -23.67 -2.80
CA LYS A 420 -28.60 -23.94 -4.11
C LYS A 420 -28.61 -22.64 -4.91
N VAL A 421 -28.10 -22.70 -6.13
CA VAL A 421 -28.13 -21.56 -7.04
C VAL A 421 -28.69 -22.04 -8.38
N ASP A 422 -29.23 -21.09 -9.13
CA ASP A 422 -29.81 -21.39 -10.42
C ASP A 422 -29.16 -20.52 -11.51
N GLY A 423 -28.21 -21.11 -12.23
CA GLY A 423 -27.57 -20.40 -13.34
C GLY A 423 -26.36 -19.57 -12.93
N ILE A 424 -25.56 -19.22 -13.94
CA ILE A 424 -24.26 -18.61 -13.74
C ILE A 424 -24.41 -17.22 -13.08
N GLU A 425 -25.43 -16.47 -13.45
CA GLU A 425 -25.58 -15.10 -12.93
C GLU A 425 -25.82 -15.15 -11.41
N GLU A 426 -26.66 -16.07 -10.98
CA GLU A 426 -26.99 -16.19 -9.56
C GLU A 426 -25.78 -16.76 -8.81
N ALA A 427 -25.09 -17.74 -9.39
CA ALA A 427 -23.90 -18.31 -8.75
C ALA A 427 -22.87 -17.21 -8.44
N ILE A 428 -22.68 -16.26 -9.36
CA ILE A 428 -21.70 -15.17 -9.20
C ILE A 428 -22.18 -14.20 -8.12
N ALA A 429 -23.44 -13.79 -8.20
CA ALA A 429 -24.01 -12.85 -7.23
C ALA A 429 -23.93 -13.43 -5.81
N VAL A 430 -24.30 -14.71 -5.65
CA VAL A 430 -24.23 -15.35 -4.33
C VAL A 430 -22.77 -15.50 -3.91
N ALA A 431 -21.89 -15.90 -4.84
CA ALA A 431 -20.45 -16.04 -4.53
C ALA A 431 -19.85 -14.73 -3.99
N ASN A 432 -20.37 -13.58 -4.43
CA ASN A 432 -19.86 -12.28 -4.00
C ASN A 432 -20.63 -11.75 -2.78
N SER A 433 -21.55 -12.53 -2.20
CA SER A 433 -22.43 -11.99 -1.12
C SER A 433 -21.83 -12.22 0.27
N THR A 434 -20.51 -12.10 0.39
CA THR A 434 -19.87 -12.14 1.70
C THR A 434 -19.01 -10.88 1.82
N PRO A 435 -18.59 -10.53 3.04
CA PRO A 435 -17.63 -9.43 3.19
C PRO A 435 -16.22 -9.75 2.66
N TYR A 436 -15.96 -10.98 2.24
CA TYR A 436 -14.60 -11.48 1.96
C TYR A 436 -14.31 -11.58 0.46
N GLY A 437 -13.05 -11.84 0.13
CA GLY A 437 -12.60 -11.89 -1.26
C GLY A 437 -11.18 -12.44 -1.39
N LEU A 438 -10.97 -13.60 -0.82
CA LEU A 438 -9.65 -14.19 -0.85
C LEU A 438 -9.59 -15.18 -2.01
N SER A 439 -9.98 -16.43 -1.77
CA SER A 439 -9.96 -17.46 -2.81
C SER A 439 -11.38 -17.71 -3.33
N SER A 440 -11.45 -18.49 -4.41
CA SER A 440 -12.70 -18.78 -5.11
C SER A 440 -12.45 -19.88 -6.14
N ALA A 441 -13.51 -20.55 -6.57
CA ALA A 441 -13.37 -21.65 -7.52
C ALA A 441 -14.70 -21.90 -8.24
N ILE A 442 -14.60 -22.40 -9.47
CA ILE A 442 -15.78 -22.85 -10.21
C ILE A 442 -15.43 -24.16 -10.94
N TYR A 443 -16.34 -25.12 -10.84
CA TYR A 443 -16.25 -26.36 -11.62
C TYR A 443 -17.26 -26.29 -12.77
N THR A 444 -16.74 -26.29 -14.00
CA THR A 444 -17.55 -26.18 -15.20
C THR A 444 -16.72 -26.61 -16.40
N ASN A 445 -17.42 -26.88 -17.50
CA ASN A 445 -16.80 -27.25 -18.78
C ASN A 445 -17.13 -26.21 -19.87
N HIS A 446 -18.13 -25.36 -19.66
CA HIS A 446 -18.50 -24.33 -20.63
C HIS A 446 -17.54 -23.14 -20.49
N ARG A 447 -16.63 -22.99 -21.46
CA ARG A 447 -15.72 -21.84 -21.58
C ARG A 447 -16.40 -20.53 -21.16
N HIS A 448 -17.62 -20.31 -21.62
CA HIS A 448 -18.27 -19.01 -21.37
C HIS A 448 -18.58 -18.84 -19.87
N TRP A 449 -18.85 -19.96 -19.19
CA TRP A 449 -19.23 -19.90 -17.78
C TRP A 449 -17.99 -19.64 -16.90
N ALA A 450 -16.91 -20.37 -17.18
CA ALA A 450 -15.61 -20.13 -16.55
C ALA A 450 -15.20 -18.67 -16.74
N TYR A 451 -15.40 -18.13 -17.94
CA TYR A 451 -15.01 -16.75 -18.23
C TYR A 451 -15.81 -15.76 -17.36
N LEU A 452 -17.13 -15.92 -17.33
CA LEU A 452 -18.00 -14.98 -16.63
C LEU A 452 -17.69 -15.00 -15.13
N PHE A 453 -17.45 -16.19 -14.57
CA PHE A 453 -17.10 -16.30 -13.16
C PHE A 453 -15.78 -15.56 -12.90
N LYS A 454 -14.82 -15.81 -13.78
CA LYS A 454 -13.47 -15.25 -13.68
C LYS A 454 -13.52 -13.71 -13.68
N VAL A 455 -14.36 -13.09 -14.51
CA VAL A 455 -14.38 -11.62 -14.56
C VAL A 455 -15.49 -11.05 -13.67
N GLY A 456 -16.37 -11.89 -13.13
CA GLY A 456 -17.48 -11.41 -12.27
C GLY A 456 -17.16 -11.52 -10.78
N ILE A 457 -16.35 -12.51 -10.41
CA ILE A 457 -15.98 -12.70 -9.00
C ILE A 457 -15.12 -11.52 -8.53
N ARG A 458 -15.21 -11.22 -7.24
CA ARG A 458 -14.35 -10.26 -6.59
C ARG A 458 -13.50 -11.02 -5.57
N ALA A 459 -12.33 -11.43 -6.03
CA ALA A 459 -11.43 -12.25 -5.25
C ALA A 459 -10.00 -12.05 -5.75
N GLY A 460 -9.06 -12.26 -4.85
CA GLY A 460 -7.66 -12.19 -5.21
C GLY A 460 -7.24 -13.39 -6.04
N MET A 461 -7.97 -14.50 -5.90
CA MET A 461 -7.54 -15.79 -6.47
C MET A 461 -8.75 -16.63 -6.88
N THR A 462 -8.67 -17.19 -8.09
CA THR A 462 -9.77 -18.00 -8.64
C THR A 462 -9.19 -19.27 -9.26
N SER A 463 -9.80 -20.40 -8.90
CA SER A 463 -9.48 -21.72 -9.45
C SER A 463 -10.57 -22.16 -10.44
N ILE A 464 -10.18 -22.62 -11.62
CA ILE A 464 -11.10 -23.22 -12.59
C ILE A 464 -10.86 -24.74 -12.60
N ASN A 465 -11.87 -25.49 -12.17
CA ASN A 465 -11.81 -26.97 -12.03
C ASN A 465 -10.66 -27.36 -11.09
N ASN A 466 -10.52 -26.62 -10.00
CA ASN A 466 -9.52 -26.88 -8.96
C ASN A 466 -10.05 -26.32 -7.63
N ALA A 467 -9.43 -26.73 -6.53
CA ALA A 467 -9.89 -26.39 -5.18
C ALA A 467 -9.65 -24.91 -4.87
N THR A 468 -10.33 -24.42 -3.83
CA THR A 468 -10.06 -23.07 -3.31
C THR A 468 -8.71 -23.03 -2.59
N VAL A 469 -8.18 -24.21 -2.21
CA VAL A 469 -6.90 -24.30 -1.52
C VAL A 469 -5.83 -24.70 -2.55
N GLY A 470 -4.57 -24.68 -2.14
CA GLY A 470 -3.48 -25.21 -2.96
C GLY A 470 -2.92 -24.20 -3.96
N ALA A 471 -2.83 -22.94 -3.58
CA ALA A 471 -2.17 -21.93 -4.42
C ALA A 471 -0.73 -22.37 -4.69
N GLU A 472 -0.29 -22.21 -5.94
CA GLU A 472 1.11 -22.43 -6.27
C GLU A 472 1.95 -21.30 -5.68
N ALA A 473 3.17 -21.63 -5.28
CA ALA A 473 3.98 -20.74 -4.42
C ALA A 473 4.53 -19.55 -5.19
N HIS A 474 4.43 -19.53 -6.53
CA HIS A 474 5.02 -18.46 -7.34
C HIS A 474 3.94 -17.60 -8.01
N LEU A 475 2.71 -17.63 -7.52
CA LEU A 475 1.65 -16.69 -7.96
C LEU A 475 1.38 -15.69 -6.84
N PRO A 476 0.85 -14.51 -7.19
CA PRO A 476 0.54 -13.51 -6.18
C PRO A 476 -0.62 -13.99 -5.29
N PHE A 477 -0.38 -13.93 -3.98
CA PHE A 477 -1.34 -14.43 -2.98
C PHE A 477 -1.85 -13.26 -2.15
N GLY A 478 -3.17 -13.14 -2.05
CA GLY A 478 -3.79 -12.06 -1.31
C GLY A 478 -5.25 -11.90 -1.71
N GLY A 479 -5.94 -10.99 -1.03
CA GLY A 479 -7.38 -10.86 -1.16
C GLY A 479 -7.81 -9.41 -1.25
N VAL A 480 -9.09 -9.25 -1.60
CA VAL A 480 -9.73 -7.96 -1.67
C VAL A 480 -10.83 -7.96 -0.59
N LYS A 481 -11.56 -6.85 -0.50
CA LYS A 481 -12.65 -6.69 0.46
C LYS A 481 -12.09 -6.93 1.87
N ALA A 482 -12.75 -7.77 2.69
CA ALA A 482 -12.32 -7.95 4.09
C ALA A 482 -11.09 -8.85 4.19
N SER A 483 -10.65 -9.44 3.06
CA SER A 483 -9.57 -10.42 3.06
C SER A 483 -8.19 -9.75 2.93
N GLY A 484 -8.13 -8.48 2.56
CA GLY A 484 -6.84 -7.78 2.46
C GLY A 484 -6.99 -6.35 1.97
N ASN A 485 -5.86 -5.68 1.78
CA ASN A 485 -5.83 -4.25 1.42
C ASN A 485 -5.19 -4.03 0.04
N GLY A 486 -4.83 -5.09 -0.67
CA GLY A 486 -4.25 -4.96 -2.03
C GLY A 486 -2.84 -5.51 -2.12
N GLY A 487 -2.11 -5.53 -1.01
CA GLY A 487 -0.80 -6.18 -0.97
C GLY A 487 -0.86 -7.63 -1.42
N ARG A 488 0.24 -8.09 -2.02
CA ARG A 488 0.35 -9.47 -2.48
C ARG A 488 1.67 -10.06 -2.00
N GLU A 489 1.66 -11.35 -1.73
CA GLU A 489 2.85 -12.05 -1.34
C GLU A 489 3.21 -13.04 -2.45
N SER A 490 4.48 -13.44 -2.45
CA SER A 490 5.06 -14.43 -3.37
C SER A 490 5.39 -13.80 -4.73
N GLY A 491 6.42 -14.37 -5.36
CA GLY A 491 6.82 -13.97 -6.68
C GLY A 491 7.34 -12.54 -6.71
N ILE A 492 7.33 -11.94 -7.90
CA ILE A 492 7.80 -10.57 -8.11
C ILE A 492 6.85 -9.56 -7.46
N TRP A 493 5.60 -9.96 -7.19
CA TRP A 493 4.55 -9.04 -6.76
C TRP A 493 4.79 -8.58 -5.31
N VAL A 494 5.55 -9.34 -4.54
CA VAL A 494 5.81 -8.99 -3.14
C VAL A 494 6.91 -7.93 -3.03
N LEU A 495 7.68 -7.67 -4.09
CA LEU A 495 8.79 -6.71 -3.99
C LEU A 495 8.29 -5.30 -3.66
N GLU A 496 7.07 -4.97 -4.10
CA GLU A 496 6.46 -3.67 -3.77
C GLU A 496 6.22 -3.55 -2.26
N GLU A 497 6.09 -4.69 -1.55
CA GLU A 497 5.80 -4.68 -0.12
C GLU A 497 7.03 -4.30 0.68
N TYR A 498 8.25 -4.58 0.18
CA TYR A 498 9.43 -4.51 1.06
C TYR A 498 10.48 -3.53 0.53
N THR A 499 10.14 -2.76 -0.50
CA THR A 499 11.04 -1.76 -1.03
C THR A 499 10.24 -0.49 -1.36
N TYR A 500 10.97 0.59 -1.62
CA TYR A 500 10.35 1.80 -2.15
C TYR A 500 11.14 2.25 -3.39
N TRP A 501 10.45 3.02 -4.23
CA TRP A 501 11.04 3.53 -5.46
C TRP A 501 11.83 4.82 -5.20
N HIS A 502 13.07 4.84 -5.66
CA HIS A 502 13.92 6.03 -5.63
C HIS A 502 14.18 6.51 -7.07
N ALA A 503 13.61 7.67 -7.42
CA ALA A 503 13.72 8.24 -8.75
C ALA A 503 14.90 9.20 -8.77
N VAL A 504 15.83 8.99 -9.72
CA VAL A 504 17.02 9.82 -9.78
C VAL A 504 17.16 10.43 -11.18
N ASN A 505 17.42 11.74 -11.22
CA ASN A 505 17.69 12.44 -12.49
C ASN A 505 19.11 13.04 -12.42
N GLU A 506 19.87 12.85 -13.48
CA GLU A 506 21.26 13.27 -13.56
C GLU A 506 21.44 14.24 -14.74
N GLU A 507 21.87 15.46 -14.44
CA GLU A 507 22.12 16.49 -15.45
C GLU A 507 23.61 16.49 -15.84
N TYR A 508 23.85 16.67 -17.13
CA TYR A 508 25.21 16.84 -17.67
C TYR A 508 25.29 18.09 -18.56
N SER A 509 24.19 18.81 -18.73
CA SER A 509 24.10 19.84 -19.77
C SER A 509 24.70 21.18 -19.31
N GLY A 510 25.17 21.25 -18.05
CA GLY A 510 25.73 22.50 -17.50
C GLY A 510 24.78 23.70 -17.57
N ARG A 511 23.47 23.46 -17.62
CA ARG A 511 22.48 24.57 -17.61
C ARG A 511 21.16 24.09 -17.00
N LEU A 512 20.38 25.03 -16.47
CA LEU A 512 19.08 24.75 -15.84
C LEU A 512 17.99 24.61 -16.92
N GLN A 513 17.57 23.38 -17.19
CA GLN A 513 16.53 23.08 -18.20
C GLN A 513 15.20 22.84 -17.48
N LEU A 514 14.17 23.63 -17.80
CA LEU A 514 12.89 23.55 -17.07
C LEU A 514 11.96 22.53 -17.75
N ALA A 515 11.56 21.49 -17.00
CA ALA A 515 10.72 20.40 -17.52
C ALA A 515 9.31 20.92 -17.82
N GLN A 516 8.72 20.33 -18.86
CA GLN A 516 7.41 20.66 -19.50
C GLN A 516 7.22 22.18 -19.70
N MET A 517 8.30 22.96 -19.88
CA MET A 517 8.20 24.43 -20.06
C MET A 517 9.10 24.89 -21.21
N ALA B 10 -21.85 37.06 -13.79
CA ALA B 10 -21.47 38.50 -13.87
C ALA B 10 -20.11 38.64 -14.57
N ALA B 11 -19.78 39.87 -14.94
CA ALA B 11 -18.44 40.21 -15.39
C ALA B 11 -17.61 40.63 -14.17
N GLY B 12 -16.39 40.10 -14.08
CA GLY B 12 -15.43 40.47 -13.06
C GLY B 12 -14.41 41.46 -13.58
N LYS B 13 -13.27 41.55 -12.91
CA LYS B 13 -12.26 42.55 -13.24
C LYS B 13 -11.39 42.06 -14.41
N TYR B 14 -10.84 40.85 -14.30
CA TYR B 14 -9.92 40.30 -15.32
C TYR B 14 -10.57 39.15 -16.10
N GLY B 15 -11.88 39.02 -16.01
CA GLY B 15 -12.61 37.97 -16.71
C GLY B 15 -14.02 37.83 -16.17
N ASN B 16 -14.71 36.76 -16.54
CA ASN B 16 -16.06 36.50 -16.02
C ASN B 16 -15.97 35.96 -14.58
N THR B 17 -16.94 36.32 -13.74
CA THR B 17 -17.18 35.59 -12.49
C THR B 17 -18.11 34.41 -12.79
N LEU B 18 -17.62 33.18 -12.67
CA LEU B 18 -18.44 32.02 -12.98
C LEU B 18 -19.17 31.53 -11.73
N GLU B 19 -20.43 31.12 -11.90
CA GLU B 19 -21.16 30.40 -10.87
C GLU B 19 -21.45 28.99 -11.40
N PHE B 20 -21.26 27.97 -10.56
CA PHE B 20 -21.48 26.59 -10.96
C PHE B 20 -21.66 25.71 -9.72
N GLY B 21 -22.20 24.51 -9.94
CA GLY B 21 -22.45 23.56 -8.89
C GLY B 21 -21.61 22.30 -9.01
N HIS B 22 -21.92 21.33 -8.17
CA HIS B 22 -21.31 20.03 -8.15
C HIS B 22 -21.65 19.29 -9.45
N LEU B 23 -20.83 18.30 -9.79
CA LEU B 23 -21.14 17.43 -10.91
C LEU B 23 -21.33 16.01 -10.37
N VAL B 24 -22.57 15.54 -10.40
CA VAL B 24 -22.92 14.23 -9.87
C VAL B 24 -23.76 13.49 -10.92
N GLY B 25 -23.33 12.29 -11.30
CA GLY B 25 -23.99 11.50 -12.34
C GLY B 25 -24.19 12.30 -13.63
N GLY B 26 -23.28 13.21 -13.93
CA GLY B 26 -23.38 13.99 -15.15
C GLY B 26 -24.19 15.26 -14.97
N GLU B 27 -24.98 15.37 -13.90
CA GLU B 27 -25.85 16.54 -13.73
C GLU B 27 -25.18 17.57 -12.82
N GLU B 28 -25.44 18.85 -13.09
CA GLU B 28 -24.92 19.95 -12.27
C GLU B 28 -25.89 20.21 -11.10
N VAL B 29 -25.36 20.25 -9.87
CA VAL B 29 -26.17 20.31 -8.66
C VAL B 29 -25.76 21.55 -7.86
N LEU B 30 -26.57 22.60 -7.90
CA LEU B 30 -26.27 23.82 -7.14
C LEU B 30 -26.97 23.71 -5.77
N GLU B 31 -26.32 23.02 -4.84
CA GLU B 31 -26.91 22.69 -3.55
C GLU B 31 -25.84 22.85 -2.47
N GLY B 32 -26.15 23.70 -1.49
CA GLY B 32 -25.28 23.94 -0.34
C GLY B 32 -24.97 25.41 -0.20
N PRO B 33 -24.41 25.82 0.95
CA PRO B 33 -24.06 27.21 1.18
C PRO B 33 -23.00 27.70 0.18
N LEU B 34 -23.17 28.94 -0.28
CA LEU B 34 -22.36 29.48 -1.37
C LEU B 34 -21.00 29.92 -0.84
N LEU B 35 -19.94 29.46 -1.51
CA LEU B 35 -18.56 29.86 -1.23
C LEU B 35 -18.08 30.73 -2.40
N GLU B 36 -16.93 31.37 -2.27
CA GLU B 36 -16.39 32.07 -3.42
C GLU B 36 -14.87 31.97 -3.42
N ARG B 37 -14.29 32.09 -4.62
CA ARG B 37 -12.86 32.11 -4.78
C ARG B 37 -12.46 33.45 -5.42
N ARG B 38 -11.66 34.21 -4.69
CA ARG B 38 -11.19 35.49 -5.17
C ARG B 38 -9.77 35.29 -5.72
N ASN B 39 -9.48 36.05 -6.76
CA ASN B 39 -8.18 36.12 -7.38
C ASN B 39 -7.15 36.49 -6.32
N PRO B 40 -6.21 35.58 -6.01
CA PRO B 40 -5.27 35.90 -4.94
C PRO B 40 -4.29 37.03 -5.29
N SER B 41 -4.14 37.38 -6.57
CA SER B 41 -3.28 38.53 -6.94
C SER B 41 -4.02 39.85 -6.71
N ASP B 42 -5.35 39.80 -6.72
CA ASP B 42 -6.18 40.99 -6.63
C ASP B 42 -7.58 40.58 -6.13
N ARG B 43 -7.82 40.82 -4.85
CA ARG B 43 -9.00 40.33 -4.12
C ARG B 43 -10.30 40.93 -4.69
N GLU B 44 -10.20 42.01 -5.47
CA GLU B 44 -11.38 42.63 -6.11
C GLU B 44 -11.93 41.74 -7.23
N ASP B 45 -11.08 40.93 -7.85
CA ASP B 45 -11.50 40.03 -8.93
C ASP B 45 -12.07 38.74 -8.31
N VAL B 46 -13.37 38.54 -8.46
CA VAL B 46 -14.05 37.35 -7.99
C VAL B 46 -14.08 36.34 -9.13
N VAL B 47 -13.40 35.21 -8.95
CA VAL B 47 -13.24 34.24 -10.04
C VAL B 47 -14.49 33.34 -10.09
N ALA B 48 -14.98 32.91 -8.93
CA ALA B 48 -16.03 31.88 -8.90
C ALA B 48 -16.89 31.96 -7.64
N ARG B 49 -18.16 31.63 -7.81
CA ARG B 49 -19.08 31.34 -6.73
C ARG B 49 -19.59 29.92 -6.93
N PHE B 50 -19.62 29.12 -5.87
CA PHE B 50 -19.87 27.68 -5.97
C PHE B 50 -20.33 27.15 -4.60
N PRO B 51 -21.05 26.02 -4.56
CA PRO B 51 -21.58 25.54 -3.27
C PRO B 51 -20.65 24.60 -2.48
N GLU B 52 -20.93 24.46 -1.19
CA GLU B 52 -20.31 23.47 -0.32
C GLU B 52 -21.20 22.22 -0.24
N ALA B 53 -20.72 21.11 -0.77
CA ALA B 53 -21.46 19.85 -0.71
C ALA B 53 -21.50 19.35 0.73
N ASP B 54 -22.68 19.02 1.21
CA ASP B 54 -22.83 18.34 2.49
C ASP B 54 -22.53 16.83 2.36
N LYS B 55 -22.35 16.19 3.50
CA LYS B 55 -21.93 14.79 3.56
C LYS B 55 -22.90 13.91 2.77
N ASP B 56 -24.20 14.19 2.87
CA ASP B 56 -25.19 13.37 2.19
C ASP B 56 -25.10 13.46 0.67
N LEU B 57 -24.65 14.60 0.16
CA LEU B 57 -24.48 14.74 -1.28
C LEU B 57 -23.21 13.99 -1.72
N VAL B 58 -22.18 13.98 -0.88
CA VAL B 58 -20.98 13.21 -1.19
C VAL B 58 -21.35 11.73 -1.22
N ARG B 59 -22.19 11.32 -0.27
CA ARG B 59 -22.70 9.94 -0.19
C ARG B 59 -23.37 9.57 -1.52
N LYS B 60 -24.21 10.49 -2.04
CA LYS B 60 -24.93 10.25 -3.29
C LYS B 60 -23.94 10.17 -4.46
N ALA B 61 -22.91 11.02 -4.42
CA ALA B 61 -21.89 11.03 -5.47
C ALA B 61 -21.16 9.67 -5.51
N ALA B 62 -20.86 9.10 -4.34
CA ALA B 62 -20.19 7.80 -4.26
C ALA B 62 -21.09 6.68 -4.80
N LEU B 63 -22.40 6.79 -4.54
CA LEU B 63 -23.34 5.75 -4.99
C LEU B 63 -23.57 5.90 -6.50
N LYS B 64 -23.54 7.12 -7.00
CA LYS B 64 -23.61 7.33 -8.43
C LYS B 64 -22.35 6.78 -9.10
N ALA B 65 -21.19 6.96 -8.45
CA ALA B 65 -19.94 6.41 -8.92
C ALA B 65 -20.03 4.87 -8.96
N ARG B 66 -20.58 4.26 -7.91
CA ARG B 66 -20.72 2.80 -7.84
C ARG B 66 -21.57 2.29 -9.02
N GLU B 67 -22.62 3.05 -9.35
CA GLU B 67 -23.52 2.72 -10.45
C GLU B 67 -22.76 2.72 -11.78
N ALA B 68 -22.06 3.82 -12.07
CA ALA B 68 -21.39 4.04 -13.36
C ALA B 68 -20.21 3.07 -13.54
N PHE B 69 -19.62 2.63 -12.42
CA PHE B 69 -18.46 1.74 -12.43
C PHE B 69 -18.78 0.42 -13.15
N ALA B 70 -20.02 -0.04 -13.02
CA ALA B 70 -20.42 -1.34 -13.59
C ALA B 70 -20.16 -1.36 -15.11
N GLU B 71 -20.58 -0.32 -15.82
CA GLU B 71 -20.44 -0.29 -17.29
C GLU B 71 -19.03 0.17 -17.68
N TRP B 72 -18.43 1.04 -16.88
CA TRP B 72 -17.13 1.59 -17.24
C TRP B 72 -16.04 0.51 -17.09
N SER B 73 -16.07 -0.26 -16.00
CA SER B 73 -15.10 -1.33 -15.80
C SER B 73 -15.21 -2.39 -16.90
N ARG B 74 -16.40 -2.55 -17.49
CA ARG B 74 -16.64 -3.53 -18.56
C ARG B 74 -16.39 -2.89 -19.93
N THR B 75 -16.08 -1.59 -19.97
CA THR B 75 -15.62 -0.98 -21.22
C THR B 75 -14.17 -1.40 -21.47
N PRO B 76 -13.88 -1.99 -22.63
CA PRO B 76 -12.52 -2.47 -22.89
C PRO B 76 -11.47 -1.36 -22.70
N ALA B 77 -10.34 -1.73 -22.11
CA ALA B 77 -9.33 -0.76 -21.70
C ALA B 77 -8.85 0.08 -22.90
N PRO B 78 -8.75 -0.54 -24.09
CA PRO B 78 -8.31 0.28 -25.23
C PRO B 78 -9.35 1.34 -25.64
N ILE B 79 -10.62 1.09 -25.41
CA ILE B 79 -11.65 2.10 -25.66
C ILE B 79 -11.57 3.19 -24.58
N ARG B 80 -11.37 2.79 -23.33
CA ARG B 80 -11.13 3.77 -22.25
C ARG B 80 -9.94 4.66 -22.61
N GLY B 81 -8.91 4.06 -23.21
CA GLY B 81 -7.73 4.81 -23.63
C GLY B 81 -8.06 5.82 -24.72
N GLN B 82 -9.04 5.49 -25.57
CA GLN B 82 -9.44 6.40 -26.64
C GLN B 82 -10.06 7.65 -26.03
N VAL B 83 -10.80 7.52 -24.93
CA VAL B 83 -11.32 8.70 -24.24
C VAL B 83 -10.14 9.58 -23.80
N LEU B 84 -9.12 8.99 -23.20
CA LEU B 84 -7.96 9.79 -22.78
C LEU B 84 -7.26 10.41 -24.00
N PHE B 85 -7.24 9.72 -25.13
CA PHE B 85 -6.64 10.29 -26.33
C PHE B 85 -7.40 11.56 -26.74
N ASN B 86 -8.72 11.50 -26.73
CA ASN B 86 -9.55 12.68 -26.98
C ASN B 86 -9.20 13.78 -25.98
N LEU B 87 -8.96 13.41 -24.73
CA LEU B 87 -8.62 14.38 -23.68
C LEU B 87 -7.29 15.07 -23.99
N VAL B 88 -6.33 14.33 -24.53
CA VAL B 88 -5.06 14.95 -24.94
C VAL B 88 -5.36 16.10 -25.89
N LYS B 89 -6.17 15.84 -26.91
CA LYS B 89 -6.41 16.81 -27.98
C LYS B 89 -7.20 18.00 -27.44
N ILE B 90 -8.19 17.71 -26.61
CA ILE B 90 -9.00 18.76 -25.97
C ILE B 90 -8.11 19.61 -25.04
N LEU B 91 -7.24 18.98 -24.25
CA LEU B 91 -6.35 19.75 -23.34
C LEU B 91 -5.40 20.63 -24.16
N GLU B 92 -4.91 20.08 -25.25
CA GLU B 92 -4.05 20.79 -26.20
C GLU B 92 -4.76 22.06 -26.69
N ARG B 93 -6.00 21.88 -27.16
CA ARG B 93 -6.81 22.97 -27.68
C ARG B 93 -7.00 24.04 -26.60
N GLU B 94 -7.21 23.61 -25.36
CA GLU B 94 -7.60 24.51 -24.29
C GLU B 94 -6.38 25.03 -23.51
N LYS B 95 -5.16 24.71 -23.92
CA LYS B 95 -3.98 25.00 -23.09
C LYS B 95 -3.86 26.50 -22.79
N PRO B 96 -4.00 27.38 -23.81
CA PRO B 96 -3.89 28.83 -23.54
C PRO B 96 -4.98 29.34 -22.58
N THR B 97 -6.22 28.85 -22.75
CA THR B 97 -7.34 29.20 -21.89
C THR B 97 -7.11 28.73 -20.44
N LEU B 98 -6.70 27.48 -20.28
CA LEU B 98 -6.46 26.93 -18.94
C LEU B 98 -5.29 27.66 -18.29
N THR B 99 -4.29 28.03 -19.09
CA THR B 99 -3.12 28.75 -18.60
C THR B 99 -3.59 30.09 -18.00
N ARG B 100 -4.37 30.85 -18.77
CA ARG B 100 -4.84 32.17 -18.34
C ARG B 100 -5.72 32.03 -17.09
N LEU B 101 -6.64 31.08 -17.08
CA LEU B 101 -7.52 30.87 -15.93
C LEU B 101 -6.69 30.50 -14.68
N MET B 102 -5.61 29.74 -14.85
CA MET B 102 -4.81 29.30 -13.71
C MET B 102 -4.03 30.49 -13.12
N VAL B 103 -3.49 31.36 -13.97
CA VAL B 103 -2.82 32.57 -13.50
C VAL B 103 -3.80 33.37 -12.62
N ARG B 104 -5.03 33.47 -13.09
CA ARG B 104 -6.07 34.24 -12.42
C ARG B 104 -6.47 33.59 -11.09
N GLU B 105 -6.65 32.27 -11.08
CA GLU B 105 -7.33 31.58 -9.96
C GLU B 105 -6.33 31.19 -8.85
N VAL B 106 -5.07 30.90 -9.16
CA VAL B 106 -4.11 30.51 -8.10
C VAL B 106 -2.85 31.38 -8.15
N GLY B 107 -2.71 32.24 -9.15
CA GLY B 107 -1.69 33.29 -9.08
C GLY B 107 -0.30 32.82 -9.50
N LYS B 108 -0.17 31.72 -10.24
CA LYS B 108 1.17 31.39 -10.70
C LYS B 108 1.39 32.02 -12.07
N THR B 109 2.66 32.09 -12.47
CA THR B 109 3.06 32.79 -13.70
C THR B 109 2.52 32.04 -14.91
N PRO B 110 2.31 32.74 -16.02
CA PRO B 110 1.90 32.08 -17.27
C PRO B 110 2.81 30.91 -17.66
N LYS B 111 4.11 31.07 -17.47
CA LYS B 111 5.08 30.04 -17.84
C LYS B 111 4.84 28.79 -17.00
N GLU B 112 4.75 28.96 -15.68
CA GLU B 112 4.53 27.83 -14.77
C GLU B 112 3.15 27.21 -14.99
N ALA B 113 2.14 28.06 -15.24
CA ALA B 113 0.77 27.57 -15.46
C ALA B 113 0.70 26.70 -16.73
N ALA B 114 1.39 27.12 -17.78
CA ALA B 114 1.45 26.35 -19.02
C ALA B 114 2.09 24.98 -18.74
N GLY B 115 3.15 24.97 -17.94
CA GLY B 115 3.82 23.72 -17.54
C GLY B 115 2.90 22.82 -16.71
N ASP B 116 2.13 23.43 -15.82
CA ASP B 116 1.16 22.70 -15.03
C ASP B 116 0.19 21.97 -15.99
N VAL B 117 -0.34 22.70 -16.97
CA VAL B 117 -1.29 22.12 -17.90
C VAL B 117 -0.59 21.04 -18.74
N GLN B 118 0.66 21.27 -19.13
CA GLN B 118 1.38 20.35 -19.99
C GLN B 118 1.58 19.00 -19.28
N GLU B 119 1.74 19.01 -17.96
CA GLU B 119 1.87 17.75 -17.20
C GLU B 119 0.61 16.92 -17.36
N ALA B 120 -0.55 17.57 -17.42
CA ALA B 120 -1.81 16.84 -17.58
C ALA B 120 -1.90 16.27 -18.99
N ILE B 121 -1.41 17.03 -19.97
CA ILE B 121 -1.36 16.57 -21.37
C ILE B 121 -0.44 15.35 -21.48
N ASP B 122 0.75 15.42 -20.84
CA ASP B 122 1.71 14.33 -20.86
C ASP B 122 1.14 13.09 -20.19
N THR B 123 0.47 13.31 -19.05
CA THR B 123 -0.17 12.20 -18.32
C THR B 123 -1.25 11.58 -19.19
N ALA B 124 -2.08 12.41 -19.84
CA ALA B 124 -3.17 11.91 -20.69
C ALA B 124 -2.60 11.01 -21.80
N LEU B 125 -1.54 11.46 -22.45
CA LEU B 125 -0.93 10.71 -23.57
C LEU B 125 -0.36 9.38 -23.07
N PHE B 126 0.37 9.43 -21.95
CA PHE B 126 0.95 8.24 -21.37
C PHE B 126 -0.14 7.17 -21.16
N PHE B 127 -1.25 7.56 -20.54
CA PHE B 127 -2.28 6.58 -20.14
C PHE B 127 -3.24 6.30 -21.30
N ALA B 128 -3.28 7.17 -22.31
CA ALA B 128 -4.03 6.84 -23.54
C ALA B 128 -3.54 5.50 -24.11
N SER B 129 -2.22 5.30 -24.27
CA SER B 129 -1.76 4.03 -24.84
C SER B 129 -1.65 2.95 -23.77
N GLU B 130 -1.69 3.32 -22.49
CA GLU B 130 -1.69 2.31 -21.43
C GLU B 130 -2.95 1.45 -21.55
N GLY B 131 -3.96 1.95 -22.25
CA GLY B 131 -5.17 1.16 -22.52
C GLY B 131 -4.87 -0.13 -23.28
N ARG B 132 -3.78 -0.16 -24.04
CA ARG B 132 -3.40 -1.34 -24.81
C ARG B 132 -2.22 -2.07 -24.16
N ARG B 133 -1.98 -1.76 -22.88
CA ARG B 133 -0.92 -2.40 -22.09
C ARG B 133 -1.57 -3.03 -20.85
N LEU B 134 -1.41 -2.44 -19.66
CA LEU B 134 -1.97 -2.99 -18.41
C LEU B 134 -1.56 -4.46 -18.26
N TYR B 135 -0.31 -4.77 -18.58
CA TYR B 135 0.08 -6.16 -18.69
C TYR B 135 -0.06 -6.87 -17.34
N GLY B 136 -0.67 -8.05 -17.39
CA GLY B 136 -0.48 -9.05 -16.36
C GLY B 136 0.45 -10.14 -16.87
N GLN B 137 0.44 -11.31 -16.26
CA GLN B 137 1.43 -12.33 -16.59
C GLN B 137 0.75 -13.66 -16.91
N THR B 138 1.35 -14.39 -17.84
CA THR B 138 1.19 -15.83 -17.94
C THR B 138 2.40 -16.46 -17.23
N VAL B 139 2.12 -17.52 -16.47
CA VAL B 139 3.09 -18.11 -15.56
C VAL B 139 2.99 -19.63 -15.72
N PRO B 140 4.13 -20.32 -15.84
CA PRO B 140 4.06 -21.77 -15.97
C PRO B 140 3.66 -22.45 -14.65
N SER B 141 2.70 -23.38 -14.71
CA SER B 141 2.33 -24.20 -13.55
C SER B 141 3.45 -25.18 -13.22
N GLU B 142 3.50 -25.65 -11.98
CA GLU B 142 4.41 -26.75 -11.62
C GLU B 142 3.77 -28.09 -11.99
N MET B 143 2.52 -28.05 -12.48
CA MET B 143 1.76 -29.26 -12.81
C MET B 143 1.59 -29.34 -14.33
N ARG B 144 1.47 -30.56 -14.86
CA ARG B 144 1.04 -30.75 -16.25
C ARG B 144 -0.43 -30.37 -16.38
N ASP B 145 -0.84 -29.99 -17.58
CA ASP B 145 -2.24 -29.74 -17.91
C ASP B 145 -2.89 -28.72 -17.00
N LYS B 146 -2.15 -27.64 -16.75
CA LYS B 146 -2.60 -26.57 -15.89
C LYS B 146 -1.91 -25.28 -16.30
N GLU B 147 -2.59 -24.16 -16.21
CA GLU B 147 -2.00 -22.87 -16.60
C GLU B 147 -2.33 -21.81 -15.54
N LEU B 148 -1.40 -20.87 -15.36
CA LEU B 148 -1.50 -19.81 -14.36
C LEU B 148 -1.52 -18.45 -15.06
N PHE B 149 -2.29 -17.52 -14.49
CA PHE B 149 -2.46 -16.19 -15.05
C PHE B 149 -2.55 -15.16 -13.93
N THR B 150 -2.12 -13.93 -14.20
CA THR B 150 -2.46 -12.78 -13.36
C THR B 150 -3.11 -11.71 -14.23
N PHE B 151 -4.10 -11.03 -13.66
CA PHE B 151 -4.80 -9.94 -14.33
C PHE B 151 -4.89 -8.73 -13.38
N ARG B 152 -4.80 -7.53 -13.95
CA ARG B 152 -5.05 -6.32 -13.19
C ARG B 152 -6.56 -6.02 -13.21
N ARG B 153 -7.17 -5.83 -12.05
CA ARG B 153 -8.60 -5.51 -11.97
C ARG B 153 -8.79 -4.12 -11.33
N PRO B 154 -9.83 -3.40 -11.74
CA PRO B 154 -10.14 -2.14 -11.10
C PRO B 154 -10.57 -2.37 -9.64
N LEU B 155 -10.37 -1.36 -8.82
CA LEU B 155 -10.64 -1.46 -7.39
C LEU B 155 -12.10 -1.13 -7.10
N GLY B 156 -12.65 -0.13 -7.78
CA GLY B 156 -14.05 0.25 -7.58
C GLY B 156 -14.24 1.76 -7.64
N VAL B 157 -14.66 2.34 -6.52
CA VAL B 157 -14.90 3.77 -6.43
C VAL B 157 -13.70 4.39 -5.69
N VAL B 158 -13.10 5.39 -6.32
CA VAL B 158 -11.94 6.07 -5.80
C VAL B 158 -12.37 7.43 -5.28
N GLY B 159 -12.04 7.70 -4.00
CA GLY B 159 -12.14 9.04 -3.47
C GLY B 159 -10.83 9.79 -3.64
N ILE B 160 -10.89 10.99 -4.19
CA ILE B 160 -9.69 11.81 -4.44
C ILE B 160 -9.86 13.18 -3.79
N ILE B 161 -8.89 13.58 -2.96
CA ILE B 161 -8.85 14.92 -2.39
C ILE B 161 -7.51 15.57 -2.77
N THR B 162 -7.55 16.79 -3.30
CA THR B 162 -6.33 17.43 -3.81
C THR B 162 -6.17 18.87 -3.33
N ALA B 163 -4.91 19.24 -3.18
CA ALA B 163 -4.49 20.61 -2.95
C ALA B 163 -4.64 21.41 -4.25
N GLY B 164 -4.39 22.70 -4.19
CA GLY B 164 -4.62 23.60 -5.31
C GLY B 164 -3.37 24.31 -5.80
N ASN B 165 -2.20 23.99 -5.27
CA ASN B 165 -0.94 24.60 -5.74
C ASN B 165 -0.56 24.09 -7.15
N PHE B 166 -1.02 22.90 -7.52
CA PHE B 166 -0.87 22.40 -8.89
C PHE B 166 -2.24 21.95 -9.40
N PRO B 167 -3.13 22.90 -9.68
CA PRO B 167 -4.55 22.61 -9.77
C PRO B 167 -4.98 21.74 -10.96
N ILE B 168 -4.12 21.57 -11.98
CA ILE B 168 -4.46 20.69 -13.13
C ILE B 168 -3.54 19.46 -13.11
N ALA B 169 -2.23 19.68 -12.97
CA ALA B 169 -1.23 18.62 -13.01
C ALA B 169 -1.55 17.53 -11.97
N VAL B 170 -1.61 17.93 -10.71
CA VAL B 170 -1.62 16.99 -9.61
C VAL B 170 -2.93 16.19 -9.64
N PRO B 171 -4.07 16.85 -9.86
CA PRO B 171 -5.28 16.05 -10.04
C PRO B 171 -5.22 15.08 -11.24
N SER B 172 -4.59 15.49 -12.33
CA SER B 172 -4.47 14.62 -13.51
C SER B 172 -3.69 13.34 -13.18
N TRP B 173 -2.74 13.41 -12.24
CA TRP B 173 -1.93 12.25 -11.83
C TRP B 173 -2.81 11.17 -11.20
N LYS B 174 -3.97 11.55 -10.68
CA LYS B 174 -4.87 10.63 -9.99
C LYS B 174 -6.06 10.29 -10.88
N LEU B 175 -6.73 11.32 -11.41
CA LEU B 175 -7.97 11.15 -12.18
C LEU B 175 -7.73 10.24 -13.40
N ILE B 176 -6.63 10.47 -14.11
CA ILE B 176 -6.41 9.84 -15.41
C ILE B 176 -6.12 8.33 -15.24
N PRO B 177 -5.12 7.95 -14.43
CA PRO B 177 -4.91 6.52 -14.28
C PRO B 177 -6.10 5.82 -13.58
N ALA B 178 -6.77 6.53 -12.67
CA ALA B 178 -7.93 5.98 -12.00
C ALA B 178 -9.00 5.56 -13.02
N VAL B 179 -9.35 6.44 -13.96
CA VAL B 179 -10.42 6.06 -14.91
C VAL B 179 -9.87 5.09 -15.97
N LEU B 180 -8.61 5.20 -16.35
CA LEU B 180 -8.04 4.33 -17.39
C LEU B 180 -8.08 2.86 -16.92
N THR B 181 -7.84 2.65 -15.63
CA THR B 181 -7.78 1.31 -15.04
C THR B 181 -9.19 0.78 -14.74
N GLY B 182 -10.21 1.57 -15.06
CA GLY B 182 -11.59 1.09 -15.04
C GLY B 182 -12.32 1.47 -13.76
N ASN B 183 -11.71 2.33 -12.96
CA ASN B 183 -12.36 2.81 -11.73
C ASN B 183 -13.28 3.99 -12.05
N THR B 184 -14.09 4.31 -11.06
CA THR B 184 -14.88 5.52 -11.08
C THR B 184 -14.47 6.38 -9.87
N VAL B 185 -14.82 7.66 -9.92
CA VAL B 185 -14.18 8.65 -9.06
C VAL B 185 -15.21 9.61 -8.42
N VAL B 186 -14.96 9.93 -7.15
CA VAL B 186 -15.52 11.11 -6.51
C VAL B 186 -14.34 12.03 -6.16
N TRP B 187 -14.38 13.28 -6.63
CA TRP B 187 -13.28 14.20 -6.49
C TRP B 187 -13.71 15.44 -5.71
N LYS B 188 -12.98 15.72 -4.63
CA LYS B 188 -13.15 16.95 -3.86
C LYS B 188 -11.95 17.85 -4.13
N PRO B 189 -12.10 18.82 -5.06
CA PRO B 189 -10.97 19.71 -5.38
C PRO B 189 -10.71 20.74 -4.28
N SER B 190 -9.49 21.26 -4.26
CA SER B 190 -9.15 22.41 -3.43
C SER B 190 -10.12 23.56 -3.68
N GLU B 191 -10.53 24.23 -2.61
CA GLU B 191 -11.33 25.45 -2.69
C GLU B 191 -10.51 26.61 -3.26
N ASP B 192 -9.20 26.41 -3.48
CA ASP B 192 -8.37 27.41 -4.14
C ASP B 192 -8.48 27.35 -5.67
N ALA B 193 -9.04 26.26 -6.23
CA ALA B 193 -9.05 26.09 -7.69
C ALA B 193 -10.34 25.42 -8.17
N PRO B 194 -11.51 25.91 -7.71
CA PRO B 194 -12.78 25.29 -8.10
C PRO B 194 -13.10 25.44 -9.61
N THR B 195 -12.76 26.58 -10.21
CA THR B 195 -13.10 26.82 -11.61
C THR B 195 -12.32 25.88 -12.53
N LEU B 196 -11.00 25.80 -12.32
CA LEU B 196 -10.14 24.90 -13.09
C LEU B 196 -10.65 23.47 -12.97
N SER B 197 -11.08 23.11 -11.77
CA SER B 197 -11.51 21.75 -11.48
C SER B 197 -12.79 21.43 -12.26
N PHE B 198 -13.75 22.36 -12.18
CA PHE B 198 -15.02 22.25 -12.92
C PHE B 198 -14.74 22.09 -14.42
N VAL B 199 -13.91 22.96 -14.95
CA VAL B 199 -13.58 22.97 -16.38
C VAL B 199 -12.92 21.63 -16.75
N PHE B 200 -11.99 21.17 -15.93
CA PHE B 200 -11.28 19.92 -16.21
C PHE B 200 -12.30 18.78 -16.30
N ALA B 201 -13.24 18.75 -15.36
CA ALA B 201 -14.31 17.74 -15.39
C ALA B 201 -15.10 17.83 -16.70
N LYS B 202 -15.37 19.04 -17.16
CA LYS B 202 -16.17 19.25 -18.39
C LYS B 202 -15.38 18.79 -19.63
N LEU B 203 -14.06 18.95 -19.61
CA LEU B 203 -13.22 18.48 -20.69
C LEU B 203 -13.23 16.94 -20.74
N PHE B 204 -13.20 16.29 -19.58
CA PHE B 204 -13.36 14.84 -19.50
C PHE B 204 -14.69 14.42 -20.15
N GLU B 205 -15.74 15.20 -19.88
CA GLU B 205 -17.07 14.92 -20.41
C GLU B 205 -17.03 15.03 -21.94
N GLU B 206 -16.48 16.14 -22.45
CA GLU B 206 -16.34 16.35 -23.90
C GLU B 206 -15.52 15.21 -24.54
N ALA B 207 -14.54 14.69 -23.81
CA ALA B 207 -13.69 13.62 -24.34
C ALA B 207 -14.46 12.30 -24.47
N GLY B 208 -15.61 12.19 -23.81
CA GLY B 208 -16.45 10.99 -23.91
C GLY B 208 -16.49 10.17 -22.63
N LEU B 209 -16.03 10.72 -21.51
CA LEU B 209 -16.14 9.98 -20.26
C LEU B 209 -17.62 9.87 -19.87
N PRO B 210 -18.11 8.65 -19.64
CA PRO B 210 -19.53 8.49 -19.32
C PRO B 210 -19.93 9.24 -18.04
N PRO B 211 -21.18 9.72 -17.98
CA PRO B 211 -21.66 10.44 -16.81
C PRO B 211 -21.66 9.57 -15.54
N GLY B 212 -21.07 10.09 -14.47
CA GLY B 212 -21.02 9.39 -13.18
C GLY B 212 -19.70 8.68 -12.97
N VAL B 213 -18.86 8.59 -14.00
CA VAL B 213 -17.55 7.97 -13.83
C VAL B 213 -16.66 8.98 -13.11
N LEU B 214 -16.89 10.27 -13.38
CA LEU B 214 -16.27 11.34 -12.60
C LEU B 214 -17.35 12.22 -11.97
N ASN B 215 -17.36 12.27 -10.63
CA ASN B 215 -18.21 13.16 -9.87
C ASN B 215 -17.34 14.13 -9.08
N VAL B 216 -17.73 15.40 -9.09
CA VAL B 216 -16.97 16.45 -8.46
C VAL B 216 -17.85 17.10 -7.39
N VAL B 217 -17.36 17.12 -6.16
CA VAL B 217 -18.06 17.75 -5.05
C VAL B 217 -17.16 18.83 -4.48
N PHE B 218 -17.61 20.09 -4.58
CA PHE B 218 -16.85 21.22 -4.11
C PHE B 218 -17.13 21.46 -2.63
N GLY B 219 -16.19 22.12 -1.98
CA GLY B 219 -16.31 22.49 -0.58
C GLY B 219 -14.95 22.66 0.06
N GLY B 220 -14.95 22.76 1.39
CA GLY B 220 -13.73 22.97 2.15
C GLY B 220 -13.09 21.64 2.53
N GLY B 221 -12.20 21.72 3.52
CA GLY B 221 -11.53 20.55 4.07
C GLY B 221 -12.01 20.23 5.47
N LYS B 222 -11.29 20.73 6.48
CA LYS B 222 -11.63 20.44 7.85
C LYS B 222 -13.00 21.05 8.19
N GLY B 223 -13.86 20.28 8.85
CA GLY B 223 -15.22 20.69 9.18
C GLY B 223 -16.09 20.94 7.96
N SER B 224 -15.69 20.41 6.80
CA SER B 224 -16.39 20.67 5.54
C SER B 224 -16.30 19.42 4.63
N THR B 225 -16.47 19.59 3.32
CA THR B 225 -16.73 18.50 2.39
C THR B 225 -15.60 17.46 2.43
N GLY B 226 -14.36 17.95 2.46
CA GLY B 226 -13.20 17.09 2.54
C GLY B 226 -13.27 16.12 3.71
N GLN B 227 -13.43 16.68 4.91
CA GLN B 227 -13.50 15.83 6.09
C GLN B 227 -14.64 14.81 5.95
N TRP B 228 -15.80 15.26 5.46
CA TRP B 228 -16.99 14.40 5.39
C TRP B 228 -16.73 13.24 4.43
N MET B 229 -16.05 13.53 3.32
CA MET B 229 -15.69 12.51 2.35
C MET B 229 -14.75 11.45 2.97
N VAL B 230 -13.79 11.87 3.78
CA VAL B 230 -12.88 10.91 4.43
C VAL B 230 -13.70 10.00 5.35
N GLU B 231 -14.63 10.58 6.09
CA GLU B 231 -15.45 9.84 7.05
C GLU B 231 -16.28 8.76 6.33
N LEU B 232 -16.64 8.99 5.06
CA LEU B 232 -17.48 8.03 4.33
C LEU B 232 -16.71 6.74 4.03
N MET B 233 -15.39 6.71 4.20
CA MET B 233 -14.67 5.42 4.10
C MET B 233 -15.19 4.46 5.17
N ASP B 234 -15.62 4.99 6.33
CA ASP B 234 -16.18 4.17 7.39
C ASP B 234 -17.55 3.56 7.01
N GLU B 235 -18.16 4.01 5.92
CA GLU B 235 -19.43 3.47 5.47
C GLU B 235 -19.26 2.56 4.25
N GLY B 236 -18.02 2.27 3.85
CA GLY B 236 -17.75 1.25 2.82
C GLY B 236 -17.94 1.77 1.40
N LEU B 237 -17.98 3.10 1.21
CA LEU B 237 -18.36 3.66 -0.09
C LEU B 237 -17.15 3.88 -1.00
N PHE B 238 -15.94 3.67 -0.50
CA PHE B 238 -14.73 3.84 -1.31
C PHE B 238 -13.86 2.59 -1.24
N GLN B 239 -13.37 2.14 -2.40
CA GLN B 239 -12.47 0.98 -2.45
C GLN B 239 -11.02 1.46 -2.56
N LYS B 240 -10.82 2.75 -2.75
CA LYS B 240 -9.52 3.36 -2.85
C LYS B 240 -9.64 4.83 -2.41
N PHE B 241 -8.57 5.38 -1.88
CA PHE B 241 -8.51 6.81 -1.55
C PHE B 241 -7.14 7.34 -1.96
N ALA B 242 -7.11 8.56 -2.50
CA ALA B 242 -5.88 9.20 -2.93
C ALA B 242 -5.91 10.67 -2.48
N PHE B 243 -4.80 11.09 -1.88
CA PHE B 243 -4.72 12.40 -1.26
C PHE B 243 -3.38 13.06 -1.60
N THR B 244 -3.47 14.35 -1.91
CA THR B 244 -2.31 15.21 -2.00
C THR B 244 -2.53 16.41 -1.08
N GLY B 245 -1.63 16.63 -0.15
CA GLY B 245 -1.78 17.72 0.83
C GLY B 245 -0.80 17.59 1.99
N SER B 246 -1.20 18.07 3.15
CA SER B 246 -0.30 18.16 4.30
C SER B 246 -0.15 16.79 4.98
N THR B 247 0.98 16.62 5.65
CA THR B 247 1.29 15.42 6.41
C THR B 247 0.26 15.21 7.51
N GLN B 248 -0.08 16.30 8.21
CA GLN B 248 -1.01 16.21 9.35
C GLN B 248 -2.34 15.60 8.87
N VAL B 249 -2.88 16.09 7.75
CA VAL B 249 -4.15 15.57 7.22
C VAL B 249 -3.95 14.14 6.69
N GLY B 250 -2.80 13.91 6.07
CA GLY B 250 -2.48 12.61 5.48
C GLY B 250 -2.43 11.49 6.51
N ARG B 251 -1.86 11.78 7.68
CA ARG B 251 -1.79 10.81 8.77
C ARG B 251 -3.22 10.36 9.13
N TRP B 252 -4.14 11.32 9.23
CA TRP B 252 -5.52 11.00 9.57
C TRP B 252 -6.16 10.18 8.44
N ILE B 253 -5.94 10.59 7.20
CA ILE B 253 -6.54 9.85 6.08
C ILE B 253 -5.98 8.42 6.04
N GLY B 254 -4.69 8.26 6.32
CA GLY B 254 -4.08 6.94 6.36
C GLY B 254 -4.71 6.05 7.43
N GLU B 255 -5.02 6.66 8.56
CA GLU B 255 -5.62 5.97 9.68
C GLU B 255 -7.02 5.45 9.30
N VAL B 256 -7.83 6.34 8.72
CA VAL B 256 -9.20 5.99 8.36
C VAL B 256 -9.17 4.93 7.26
N ALA B 257 -8.30 5.14 6.27
CA ALA B 257 -8.14 4.18 5.17
C ALA B 257 -7.70 2.81 5.71
N GLY B 258 -6.73 2.82 6.63
CA GLY B 258 -6.19 1.61 7.22
C GLY B 258 -7.25 0.76 7.90
N ARG B 259 -8.12 1.36 8.74
CA ARG B 259 -9.12 0.54 9.43
C ARG B 259 -10.16 0.01 8.44
N ASN B 260 -10.30 0.64 7.27
CA ASN B 260 -11.25 0.17 6.23
C ASN B 260 -10.54 -0.66 5.17
N LEU B 261 -9.32 -1.14 5.47
CA LEU B 261 -8.56 -2.05 4.59
C LEU B 261 -8.38 -1.44 3.20
N ILE B 262 -8.22 -0.12 3.15
CA ILE B 262 -7.87 0.58 1.94
C ILE B 262 -6.37 0.91 2.01
N ARG B 263 -5.71 0.75 0.88
CA ARG B 263 -4.35 1.16 0.68
C ARG B 263 -4.37 2.54 0.01
N PRO B 264 -4.20 3.63 0.77
CA PRO B 264 -4.31 4.96 0.16
C PRO B 264 -3.02 5.49 -0.48
N THR B 265 -3.19 6.29 -1.53
CA THR B 265 -2.09 7.09 -2.05
C THR B 265 -2.01 8.38 -1.24
N LEU B 266 -0.88 8.59 -0.58
CA LEU B 266 -0.64 9.77 0.23
C LEU B 266 0.63 10.48 -0.24
N GLU B 267 0.45 11.60 -0.90
CA GLU B 267 1.53 12.47 -1.33
C GLU B 267 1.53 13.71 -0.42
N LEU B 268 2.52 13.78 0.47
CA LEU B 268 2.45 14.72 1.57
C LEU B 268 3.59 15.73 1.45
N GLY B 269 3.98 16.35 2.57
CA GLY B 269 4.90 17.46 2.54
C GLY B 269 6.35 17.07 2.30
N GLY B 270 7.20 18.10 2.26
CA GLY B 270 8.63 17.93 2.14
C GLY B 270 9.40 18.99 2.92
N LYS B 271 10.63 18.65 3.26
CA LYS B 271 11.62 19.62 3.64
C LYS B 271 12.90 19.27 2.88
N ASN B 272 12.95 19.72 1.65
CA ASN B 272 13.81 19.13 0.62
C ASN B 272 15.20 19.75 0.70
N PRO B 273 16.23 18.93 0.98
CA PRO B 273 17.62 19.39 1.04
C PRO B 273 18.26 19.50 -0.35
N LEU B 274 19.03 20.57 -0.56
CA LEU B 274 19.86 20.76 -1.74
C LEU B 274 21.31 21.01 -1.29
N VAL B 275 22.21 20.09 -1.62
CA VAL B 275 23.61 20.14 -1.19
C VAL B 275 24.45 20.80 -2.29
N VAL B 276 25.39 21.66 -1.89
CA VAL B 276 26.38 22.24 -2.82
C VAL B 276 27.77 21.90 -2.28
N MET B 277 28.49 21.04 -3.00
CA MET B 277 29.82 20.62 -2.59
C MET B 277 30.85 21.61 -3.13
N ARG B 278 32.03 21.61 -2.48
CA ARG B 278 33.16 22.55 -2.75
C ARG B 278 33.49 22.60 -4.25
N ASP B 279 33.33 21.48 -4.96
CA ASP B 279 33.65 21.41 -6.40
C ASP B 279 32.52 21.73 -7.37
N ALA B 280 31.41 22.28 -6.88
CA ALA B 280 30.25 22.50 -7.76
C ALA B 280 30.52 23.65 -8.71
N ASP B 281 29.89 23.61 -9.88
CA ASP B 281 29.72 24.78 -10.71
C ASP B 281 28.85 25.76 -9.91
N LEU B 282 29.47 26.83 -9.40
CA LEU B 282 28.82 27.66 -8.38
C LEU B 282 27.61 28.40 -8.99
N ASP B 283 27.77 28.98 -10.16
CA ASP B 283 26.67 29.73 -10.77
C ASP B 283 25.49 28.84 -11.14
N LEU B 284 25.76 27.61 -11.52
CA LEU B 284 24.70 26.63 -11.80
C LEU B 284 23.97 26.29 -10.49
N ALA B 285 24.73 26.10 -9.42
CA ALA B 285 24.18 25.68 -8.14
C ALA B 285 23.34 26.81 -7.54
N VAL B 286 23.81 28.05 -7.66
CA VAL B 286 23.09 29.24 -7.21
C VAL B 286 21.76 29.33 -7.97
N GLU B 287 21.81 29.19 -9.28
CA GLU B 287 20.59 29.26 -10.09
C GLU B 287 19.61 28.15 -9.67
N GLY B 288 20.14 26.96 -9.42
CA GLY B 288 19.30 25.82 -9.05
C GLY B 288 18.68 25.96 -7.68
N ALA B 289 19.48 26.43 -6.72
CA ALA B 289 19.00 26.72 -5.37
C ALA B 289 17.93 27.81 -5.42
N TRP B 290 18.19 28.86 -6.19
CA TRP B 290 17.28 30.00 -6.29
C TRP B 290 15.91 29.53 -6.83
N TRP B 291 15.94 28.77 -7.91
CA TRP B 291 14.72 28.28 -8.55
C TRP B 291 14.01 27.25 -7.65
N SER B 292 14.78 26.40 -6.99
CA SER B 292 14.21 25.43 -6.05
C SER B 292 13.41 26.16 -4.97
N ALA B 293 13.91 27.33 -4.58
CA ALA B 293 13.35 28.07 -3.44
C ALA B 293 12.13 28.88 -3.88
N PHE B 294 12.20 29.57 -5.02
CA PHE B 294 11.26 30.65 -5.30
C PHE B 294 10.34 30.34 -6.48
N ALA B 295 10.48 29.19 -7.14
CA ALA B 295 9.46 28.77 -8.09
C ALA B 295 8.12 28.65 -7.36
N THR B 296 7.06 29.18 -7.96
CA THR B 296 5.71 29.17 -7.37
C THR B 296 5.71 29.88 -6.00
N GLY B 297 6.63 30.81 -5.81
CA GLY B 297 6.77 31.50 -4.53
C GLY B 297 7.03 30.53 -3.39
N GLY B 298 7.75 29.45 -3.66
CA GLY B 298 8.07 28.44 -2.66
C GLY B 298 6.85 27.64 -2.20
N GLN B 299 5.83 27.53 -3.05
CA GLN B 299 4.59 26.84 -2.69
C GLN B 299 4.50 25.48 -3.44
N ARG B 300 5.63 24.79 -3.60
CA ARG B 300 5.62 23.41 -4.10
C ARG B 300 5.98 22.44 -2.97
N CYS B 301 5.38 21.25 -3.02
CA CYS B 301 5.80 20.15 -2.13
C CYS B 301 7.32 19.95 -2.22
N THR B 302 7.87 20.18 -3.42
CA THR B 302 9.28 19.91 -3.70
C THR B 302 10.16 21.15 -3.54
N SER B 303 9.61 22.31 -3.17
CA SER B 303 10.43 23.52 -2.96
C SER B 303 11.57 23.19 -1.98
N ALA B 304 12.74 23.79 -2.21
CA ALA B 304 13.88 23.56 -1.33
C ALA B 304 13.55 24.05 0.09
N GLY B 305 13.90 23.25 1.09
CA GLY B 305 13.78 23.66 2.49
C GLY B 305 15.09 24.19 3.03
N ASN B 306 16.19 23.53 2.68
CA ASN B 306 17.52 23.86 3.23
C ASN B 306 18.57 23.72 2.13
N ILE B 307 19.39 24.76 1.95
CA ILE B 307 20.59 24.67 1.10
C ILE B 307 21.77 24.31 2.00
N LEU B 308 22.36 23.14 1.81
CA LEU B 308 23.49 22.70 2.63
C LEU B 308 24.79 22.98 1.85
N VAL B 309 25.58 23.92 2.33
CA VAL B 309 26.71 24.42 1.55
C VAL B 309 28.01 23.99 2.22
N ASP B 310 28.87 23.39 1.40
CA ASP B 310 30.18 22.88 1.85
C ASP B 310 31.06 24.05 2.33
N ALA B 311 31.71 23.85 3.47
CA ALA B 311 32.40 24.91 4.23
C ALA B 311 33.31 25.78 3.34
N PRO B 312 34.15 25.16 2.51
CA PRO B 312 35.11 25.96 1.72
C PRO B 312 34.50 26.97 0.73
N ILE B 313 33.23 26.84 0.38
CA ILE B 313 32.63 27.77 -0.57
C ILE B 313 31.45 28.48 0.08
N TYR B 314 31.28 28.34 1.40
CA TYR B 314 30.10 28.85 2.08
C TYR B 314 29.94 30.35 1.82
N GLU B 315 30.98 31.11 2.17
CA GLU B 315 30.92 32.58 2.12
C GLU B 315 30.67 33.04 0.68
N GLU B 316 31.34 32.39 -0.27
CA GLU B 316 31.24 32.82 -1.67
C GLU B 316 29.86 32.44 -2.21
N PHE B 317 29.31 31.29 -1.80
CA PHE B 317 27.99 30.88 -2.25
C PHE B 317 26.91 31.83 -1.67
N LYS B 318 26.99 32.11 -0.38
CA LYS B 318 26.05 33.02 0.27
C LYS B 318 25.98 34.34 -0.51
N ARG B 319 27.15 34.90 -0.81
CA ARG B 319 27.25 36.21 -1.43
C ARG B 319 26.50 36.20 -2.78
N ARG B 320 26.79 35.20 -3.61
CA ARG B 320 26.17 35.11 -4.93
C ARG B 320 24.70 34.74 -4.81
N PHE B 321 24.35 33.93 -3.80
CA PHE B 321 22.96 33.53 -3.62
C PHE B 321 22.12 34.75 -3.27
N LEU B 322 22.57 35.56 -2.31
CA LEU B 322 21.83 36.78 -1.91
C LEU B 322 21.76 37.76 -3.09
N GLU B 323 22.80 37.83 -3.92
CA GLU B 323 22.72 38.71 -5.09
C GLU B 323 21.60 38.24 -6.03
N ARG B 324 21.49 36.92 -6.19
CA ARG B 324 20.49 36.34 -7.09
C ARG B 324 19.09 36.51 -6.49
N VAL B 325 18.97 36.32 -5.17
CA VAL B 325 17.67 36.48 -4.50
C VAL B 325 17.20 37.93 -4.61
N GLU B 326 18.12 38.88 -4.44
CA GLU B 326 17.81 40.32 -4.52
C GLU B 326 17.20 40.67 -5.90
N ALA B 327 17.58 39.95 -6.96
CA ALA B 327 17.08 40.24 -8.32
C ALA B 327 15.68 39.66 -8.58
N THR B 328 15.07 39.00 -7.59
CA THR B 328 13.78 38.32 -7.79
C THR B 328 12.67 39.35 -8.02
N LEU B 329 11.98 39.24 -9.16
CA LEU B 329 10.80 40.06 -9.41
C LEU B 329 9.58 39.40 -8.77
N VAL B 330 8.71 40.21 -8.17
CA VAL B 330 7.48 39.73 -7.53
C VAL B 330 6.32 40.62 -7.98
N GLY B 331 5.13 40.07 -8.20
CA GLY B 331 4.01 40.91 -8.58
C GLY B 331 2.82 40.14 -9.11
N ASN B 332 1.80 40.87 -9.53
CA ASN B 332 0.60 40.29 -10.13
C ASN B 332 0.99 39.73 -11.50
N PRO B 333 1.04 38.40 -11.65
CA PRO B 333 1.56 37.80 -12.87
C PRO B 333 0.61 37.94 -14.07
N LEU B 334 -0.64 38.32 -13.83
CA LEU B 334 -1.58 38.58 -14.92
C LEU B 334 -1.26 39.94 -15.57
N LEU B 335 -0.75 40.90 -14.78
CA LEU B 335 -0.37 42.23 -15.30
C LEU B 335 1.12 42.28 -15.60
N HIS B 336 1.91 41.42 -14.96
CA HIS B 336 3.36 41.42 -15.13
C HIS B 336 3.86 39.97 -15.25
N PRO B 337 3.74 39.37 -16.45
CA PRO B 337 4.04 37.94 -16.63
C PRO B 337 5.55 37.61 -16.53
N GLU B 338 6.39 38.63 -16.40
CA GLU B 338 7.85 38.45 -16.29
C GLU B 338 8.28 38.19 -14.83
N VAL B 339 7.36 38.25 -13.87
CA VAL B 339 7.74 38.09 -12.46
C VAL B 339 8.17 36.64 -12.20
N THR B 340 9.00 36.46 -11.19
CA THR B 340 9.36 35.13 -10.76
C THR B 340 8.16 34.48 -10.05
N TYR B 341 7.51 35.19 -9.15
CA TYR B 341 6.33 34.64 -8.44
C TYR B 341 5.37 35.76 -8.07
N GLY B 342 4.15 35.33 -7.74
CA GLY B 342 3.07 36.23 -7.37
C GLY B 342 2.65 36.06 -5.91
N PRO B 343 1.33 35.99 -5.68
CA PRO B 343 0.84 35.98 -4.33
C PRO B 343 0.87 34.62 -3.64
N PHE B 344 0.63 34.61 -2.34
CA PHE B 344 0.22 33.38 -1.68
C PHE B 344 -1.10 32.88 -2.29
N ILE B 345 -1.21 31.57 -2.46
CA ILE B 345 -2.39 30.95 -3.07
C ILE B 345 -3.61 31.13 -2.16
N ASN B 346 -3.39 31.09 -0.85
CA ASN B 346 -4.46 31.24 0.12
C ASN B 346 -3.92 31.83 1.43
N GLU B 347 -4.83 32.15 2.34
CA GLU B 347 -4.50 32.84 3.60
C GLU B 347 -3.78 31.89 4.58
N ARG B 348 -4.04 30.59 4.51
CA ARG B 348 -3.37 29.62 5.39
C ARG B 348 -1.86 29.65 5.15
N PHE B 349 -1.44 29.62 3.89
CA PHE B 349 -0.02 29.65 3.57
C PHE B 349 0.56 30.99 4.02
N PHE B 350 -0.18 32.08 3.83
CA PHE B 350 0.30 33.38 4.28
C PHE B 350 0.49 33.37 5.81
N ALA B 351 -0.49 32.84 6.53
CA ALA B 351 -0.46 32.84 8.00
C ALA B 351 0.74 32.02 8.53
N ARG B 352 0.95 30.82 7.97
CA ARG B 352 2.02 29.92 8.47
C ARG B 352 3.37 30.55 8.11
N TRP B 353 3.44 31.23 6.98
CA TRP B 353 4.66 31.92 6.58
C TRP B 353 4.96 33.09 7.52
N GLN B 354 3.95 33.85 7.90
CA GLN B 354 4.14 34.93 8.88
C GLN B 354 4.70 34.36 10.18
N GLU B 355 4.16 33.22 10.63
CA GLU B 355 4.58 32.60 11.89
C GLU B 355 6.05 32.16 11.83
N HIS B 356 6.56 31.79 10.65
CA HIS B 356 7.92 31.21 10.58
C HIS B 356 8.96 32.27 10.97
N TYR B 357 8.63 33.54 10.72
CA TYR B 357 9.49 34.66 11.11
C TYR B 357 9.61 34.71 12.65
N ARG B 358 8.47 34.59 13.32
CA ARG B 358 8.42 34.65 14.78
C ARG B 358 9.18 33.47 15.39
N VAL B 359 8.98 32.28 14.82
CA VAL B 359 9.63 31.05 15.33
C VAL B 359 11.14 31.14 15.07
N GLY B 360 11.50 31.65 13.90
CA GLY B 360 12.90 31.86 13.53
C GLY B 360 13.62 32.74 14.54
N GLU B 361 13.04 33.90 14.83
CA GLU B 361 13.61 34.84 15.79
C GLU B 361 13.69 34.16 17.16
N ALA B 362 12.62 33.51 17.58
CA ALA B 362 12.56 32.90 18.90
C ALA B 362 13.66 31.85 19.09
N GLU B 363 14.11 31.15 18.04
CA GLU B 363 15.09 30.07 18.25
C GLU B 363 16.49 30.52 17.82
N GLY B 364 16.62 31.77 17.35
CA GLY B 364 17.93 32.36 17.14
C GLY B 364 18.47 32.15 15.73
N ALA B 365 17.61 31.83 14.77
CA ALA B 365 18.02 31.82 13.38
C ALA B 365 18.45 33.23 12.98
N ARG B 366 19.40 33.34 12.06
CA ARG B 366 19.92 34.62 11.59
C ARG B 366 19.19 34.97 10.28
N LEU B 367 18.43 36.05 10.29
CA LEU B 367 17.69 36.50 9.11
C LEU B 367 18.64 37.30 8.21
N LEU B 368 18.91 36.82 7.00
CA LEU B 368 19.82 37.49 6.08
C LEU B 368 19.06 38.44 5.14
N PHE B 369 17.80 38.14 4.84
CA PHE B 369 17.06 38.90 3.81
C PHE B 369 15.57 38.62 3.97
N GLY B 370 14.74 39.66 3.85
CA GLY B 370 13.28 39.54 3.94
C GLY B 370 12.69 40.37 5.07
N ARG B 371 11.58 41.03 4.80
CA ARG B 371 10.90 41.89 5.77
C ARG B 371 9.40 41.53 5.85
N GLY B 372 9.03 40.27 5.62
CA GLY B 372 7.64 39.85 5.80
C GLY B 372 6.73 40.29 4.67
N ARG B 373 5.48 40.63 4.98
CA ARG B 373 4.51 40.94 3.94
C ARG B 373 4.93 42.22 3.20
N ILE B 374 4.79 42.20 1.87
CA ILE B 374 5.05 43.38 1.05
C ILE B 374 3.79 44.26 1.08
N THR B 375 3.96 45.51 1.53
CA THR B 375 2.87 46.49 1.64
C THR B 375 3.34 47.84 1.08
N ARG B 376 2.41 48.81 0.99
CA ARG B 376 2.77 50.19 0.63
C ARG B 376 3.77 50.72 1.67
N GLU B 377 3.55 50.35 2.91
CA GLU B 377 4.37 50.84 4.00
C GLU B 377 5.69 50.04 4.09
N ASN B 378 5.67 48.77 3.68
CA ASN B 378 6.87 47.91 3.74
C ASN B 378 7.18 47.41 2.33
N PRO B 379 7.53 48.30 1.40
CA PRO B 379 7.61 47.94 -0.02
C PRO B 379 8.85 47.08 -0.34
N TYR B 380 8.77 46.34 -1.44
CA TYR B 380 9.86 45.51 -1.93
C TYR B 380 10.40 46.17 -3.20
N PRO B 381 11.73 46.36 -3.29
CA PRO B 381 12.28 47.17 -4.39
C PRO B 381 11.97 46.60 -5.79
N ARG B 382 11.76 45.30 -5.93
CA ARG B 382 11.49 44.75 -7.26
C ARG B 382 10.06 44.19 -7.34
N PHE B 383 9.14 44.86 -6.66
CA PHE B 383 7.73 44.54 -6.79
C PHE B 383 7.13 45.32 -7.97
N LEU B 384 6.28 44.68 -8.76
CA LEU B 384 5.61 45.31 -9.89
C LEU B 384 4.09 45.31 -9.62
N GLY B 385 3.55 46.51 -9.45
CA GLY B 385 2.11 46.71 -9.26
C GLY B 385 1.77 47.06 -7.82
N ASP B 386 0.51 46.83 -7.45
CA ASP B 386 -0.01 47.20 -6.15
C ASP B 386 0.01 46.02 -5.17
N PRO B 387 0.93 46.06 -4.18
CA PRO B 387 1.09 44.94 -3.25
C PRO B 387 -0.02 44.77 -2.20
N GLU B 388 -1.00 45.68 -2.21
CA GLU B 388 -2.09 45.60 -1.25
C GLU B 388 -3.33 44.98 -1.89
N ALA B 389 -3.31 44.72 -3.19
CA ALA B 389 -4.45 44.03 -3.83
C ALA B 389 -4.52 42.56 -3.39
N GLY B 390 -3.41 42.05 -2.84
CA GLY B 390 -3.37 40.67 -2.38
C GLY B 390 -2.25 40.43 -1.38
N LEU B 391 -2.04 39.17 -1.05
CA LEU B 391 -1.05 38.75 -0.08
C LEU B 391 0.24 38.34 -0.79
N TYR B 392 1.28 39.17 -0.68
CA TYR B 392 2.57 38.91 -1.33
C TYR B 392 3.68 38.90 -0.27
N GLY B 393 4.70 38.08 -0.47
CA GLY B 393 5.76 37.90 0.52
C GLY B 393 7.12 38.31 -0.02
N TRP B 394 7.88 39.00 0.83
CA TRP B 394 9.30 39.26 0.63
C TRP B 394 10.03 37.93 0.43
N PRO B 395 10.92 37.84 -0.56
CA PRO B 395 11.85 36.72 -0.58
C PRO B 395 12.60 36.67 0.77
N THR B 396 12.78 35.47 1.33
CA THR B 396 13.29 35.34 2.69
C THR B 396 14.41 34.30 2.74
N VAL B 397 15.51 34.67 3.38
CA VAL B 397 16.69 33.80 3.51
C VAL B 397 17.17 33.84 4.97
N TRP B 398 17.36 32.67 5.56
CA TRP B 398 17.92 32.53 6.90
C TRP B 398 19.23 31.75 6.85
N GLU B 399 19.99 31.85 7.92
CA GLU B 399 20.96 30.85 8.32
C GLU B 399 20.42 30.15 9.58
N VAL B 400 20.47 28.83 9.61
CA VAL B 400 19.84 28.08 10.68
C VAL B 400 20.78 26.95 11.09
N ARG B 401 20.51 26.39 12.26
CA ARG B 401 21.18 25.20 12.73
C ARG B 401 20.26 23.99 12.51
N PRO B 402 20.85 22.83 12.21
CA PRO B 402 20.11 21.56 12.21
C PRO B 402 19.40 21.34 13.55
N GLY B 403 18.25 20.69 13.52
CA GLY B 403 17.50 20.38 14.74
C GLY B 403 16.52 21.48 15.14
N THR B 404 16.54 22.64 14.48
CA THR B 404 15.62 23.72 14.78
C THR B 404 14.33 23.57 13.97
N ARG B 405 13.31 24.35 14.31
CA ARG B 405 12.00 24.23 13.69
C ARG B 405 12.03 24.74 12.25
N LEU B 406 12.74 25.84 11.98
CA LEU B 406 12.84 26.33 10.60
C LEU B 406 13.53 25.30 9.71
N PHE B 407 14.44 24.52 10.30
CA PHE B 407 15.20 23.52 9.56
C PHE B 407 14.34 22.29 9.27
N THR B 408 13.51 21.85 10.22
CA THR B 408 12.84 20.55 10.15
C THR B 408 11.42 20.68 9.61
N GLU B 409 10.77 21.83 9.74
CA GLU B 409 9.33 21.93 9.47
C GLU B 409 9.07 22.59 8.12
N GLU B 410 8.12 22.03 7.38
CA GLU B 410 7.75 22.57 6.09
C GLU B 410 7.13 23.95 6.25
N VAL B 411 7.58 24.92 5.44
CA VAL B 411 6.99 26.25 5.41
C VAL B 411 6.75 26.65 3.95
N PHE B 412 5.49 26.57 3.54
CA PHE B 412 5.10 27.06 2.22
C PHE B 412 5.32 28.57 2.15
N GLY B 413 5.78 29.02 1.00
CA GLY B 413 6.03 30.43 0.76
C GLY B 413 7.50 30.68 0.49
N PRO B 414 7.82 31.93 0.12
CA PRO B 414 9.13 32.28 -0.37
C PRO B 414 10.13 32.43 0.78
N THR B 415 10.64 31.30 1.24
CA THR B 415 11.66 31.27 2.27
C THR B 415 12.63 30.10 1.99
N ILE B 416 13.84 30.23 2.52
CA ILE B 416 14.87 29.22 2.36
C ILE B 416 15.92 29.43 3.46
N ASN B 417 16.58 28.35 3.86
CA ASN B 417 17.64 28.40 4.84
C ASN B 417 18.99 28.03 4.19
N LEU B 418 20.07 28.67 4.66
CA LEU B 418 21.44 28.23 4.39
C LEU B 418 21.98 27.52 5.64
N VAL B 419 22.71 26.43 5.43
CA VAL B 419 23.33 25.66 6.50
C VAL B 419 24.74 25.31 6.03
N LYS B 420 25.71 25.44 6.94
CA LYS B 420 27.10 25.13 6.63
C LYS B 420 27.35 23.65 6.97
N VAL B 421 27.94 22.93 6.03
CA VAL B 421 28.35 21.55 6.26
C VAL B 421 29.82 21.40 5.84
N ASP B 422 30.45 20.38 6.40
CA ASP B 422 31.85 20.12 6.11
C ASP B 422 32.03 18.68 5.62
N GLY B 423 32.10 18.52 4.30
CA GLY B 423 32.35 17.21 3.70
C GLY B 423 31.07 16.41 3.46
N ILE B 424 31.21 15.39 2.62
CA ILE B 424 30.07 14.66 2.07
C ILE B 424 29.34 13.91 3.18
N GLU B 425 30.05 13.35 4.16
CA GLU B 425 29.41 12.54 5.20
C GLU B 425 28.46 13.43 6.03
N GLU B 426 28.92 14.63 6.36
CA GLU B 426 28.12 15.54 7.16
C GLU B 426 26.95 16.07 6.32
N ALA B 427 27.20 16.40 5.06
CA ALA B 427 26.13 16.87 4.16
C ALA B 427 24.97 15.85 4.11
N ILE B 428 25.28 14.56 4.05
CA ILE B 428 24.26 13.51 3.96
C ILE B 428 23.51 13.39 5.29
N ALA B 429 24.24 13.35 6.40
CA ALA B 429 23.63 13.24 7.73
C ALA B 429 22.69 14.43 7.99
N VAL B 430 23.14 15.64 7.67
CA VAL B 430 22.32 16.83 7.85
C VAL B 430 21.12 16.77 6.88
N ALA B 431 21.35 16.38 5.62
CA ALA B 431 20.27 16.28 4.63
C ALA B 431 19.16 15.34 5.11
N ASN B 432 19.50 14.32 5.88
CA ASN B 432 18.53 13.33 6.37
C ASN B 432 17.95 13.74 7.73
N SER B 433 18.29 14.92 8.27
CA SER B 433 17.91 15.25 9.69
C SER B 433 16.57 15.98 9.76
N THR B 434 15.63 15.55 8.95
CA THR B 434 14.32 16.14 8.82
C THR B 434 13.32 14.97 8.96
N PRO B 435 12.07 15.25 9.34
CA PRO B 435 11.04 14.19 9.33
C PRO B 435 10.63 13.75 7.91
N TYR B 436 11.11 14.44 6.88
CA TYR B 436 10.59 14.34 5.51
C TYR B 436 11.56 13.60 4.60
N GLY B 437 11.08 13.27 3.40
CA GLY B 437 11.87 12.49 2.44
C GLY B 437 11.24 12.48 1.06
N LEU B 438 10.97 13.66 0.54
CA LEU B 438 10.32 13.75 -0.74
C LEU B 438 11.39 13.94 -1.82
N SER B 439 11.77 15.19 -2.09
CA SER B 439 12.79 15.48 -3.09
C SER B 439 14.12 15.80 -2.40
N SER B 440 15.16 15.92 -3.21
CA SER B 440 16.54 16.13 -2.74
C SER B 440 17.43 16.42 -3.96
N ALA B 441 18.59 17.02 -3.72
CA ALA B 441 19.49 17.39 -4.80
C ALA B 441 20.91 17.56 -4.28
N ILE B 442 21.88 17.33 -5.15
CA ILE B 442 23.29 17.62 -4.85
C ILE B 442 23.95 18.20 -6.11
N TYR B 443 24.69 19.29 -5.92
CA TYR B 443 25.54 19.87 -6.96
C TYR B 443 26.99 19.49 -6.68
N THR B 444 27.57 18.75 -7.61
CA THR B 444 28.93 18.26 -7.49
C THR B 444 29.39 17.75 -8.85
N ASN B 445 30.71 17.58 -8.96
CA ASN B 445 31.36 17.06 -10.17
C ASN B 445 32.08 15.73 -9.87
N HIS B 446 32.33 15.42 -8.60
CA HIS B 446 33.01 14.19 -8.21
C HIS B 446 32.00 13.03 -8.21
N ARG B 447 32.10 12.16 -9.21
CA ARG B 447 31.32 10.90 -9.29
C ARG B 447 31.11 10.27 -7.90
N HIS B 448 32.16 10.21 -7.08
CA HIS B 448 32.06 9.48 -5.81
C HIS B 448 31.10 10.19 -4.86
N TRP B 449 31.03 11.52 -4.97
CA TRP B 449 30.21 12.31 -4.04
C TRP B 449 28.73 12.20 -4.44
N ALA B 450 28.46 12.36 -5.73
CA ALA B 450 27.13 12.11 -6.28
C ALA B 450 26.64 10.72 -5.89
N TYR B 451 27.51 9.72 -5.98
CA TYR B 451 27.14 8.33 -5.68
C TYR B 451 26.73 8.19 -4.21
N LEU B 452 27.57 8.70 -3.31
CA LEU B 452 27.33 8.52 -1.87
C LEU B 452 26.03 9.22 -1.45
N PHE B 453 25.77 10.41 -2.01
CA PHE B 453 24.54 11.14 -1.72
C PHE B 453 23.33 10.32 -2.20
N LYS B 454 23.46 9.81 -3.41
CA LYS B 454 22.42 9.04 -4.07
C LYS B 454 22.04 7.79 -3.25
N VAL B 455 23.02 7.10 -2.66
CA VAL B 455 22.68 5.87 -1.91
C VAL B 455 22.54 6.16 -0.41
N GLY B 456 22.91 7.35 0.04
CA GLY B 456 22.85 7.70 1.47
C GLY B 456 21.60 8.48 1.84
N ILE B 457 21.07 9.26 0.90
CA ILE B 457 19.85 10.04 1.14
C ILE B 457 18.67 9.09 1.34
N ARG B 458 17.71 9.54 2.12
CA ARG B 458 16.44 8.84 2.27
C ARG B 458 15.35 9.75 1.68
N ALA B 459 15.06 9.52 0.41
CA ALA B 459 14.15 10.37 -0.35
C ALA B 459 13.57 9.57 -1.52
N GLY B 460 12.37 9.95 -1.92
CA GLY B 460 11.73 9.35 -3.06
C GLY B 460 12.39 9.80 -4.37
N MET B 461 13.04 10.96 -4.36
CA MET B 461 13.53 11.60 -5.59
C MET B 461 14.82 12.40 -5.31
N THR B 462 15.81 12.21 -6.18
CA THR B 462 17.10 12.87 -6.03
C THR B 462 17.53 13.43 -7.39
N SER B 463 17.96 14.70 -7.37
CA SER B 463 18.50 15.40 -8.53
C SER B 463 20.02 15.55 -8.39
N ILE B 464 20.77 15.19 -9.43
CA ILE B 464 22.21 15.46 -9.48
C ILE B 464 22.45 16.63 -10.46
N ASN B 465 22.95 17.75 -9.95
CA ASN B 465 23.22 18.99 -10.71
C ASN B 465 21.92 19.50 -11.34
N ASN B 466 20.84 19.41 -10.58
CA ASN B 466 19.52 19.89 -10.99
C ASN B 466 18.73 20.26 -9.73
N ALA B 467 17.65 21.00 -9.91
CA ALA B 467 16.84 21.54 -8.80
C ALA B 467 16.08 20.42 -8.08
N THR B 468 15.60 20.74 -6.86
CA THR B 468 14.72 19.84 -6.14
C THR B 468 13.34 19.81 -6.80
N VAL B 469 13.03 20.82 -7.61
CA VAL B 469 11.76 20.93 -8.31
C VAL B 469 11.95 20.44 -9.76
N GLY B 470 10.84 20.29 -10.46
CA GLY B 470 10.84 20.02 -11.89
C GLY B 470 10.93 18.55 -12.24
N ALA B 471 10.29 17.69 -11.45
CA ALA B 471 10.26 16.26 -11.75
C ALA B 471 9.63 16.05 -13.12
N GLU B 472 10.24 15.17 -13.92
CA GLU B 472 9.68 14.80 -15.21
C GLU B 472 8.45 13.91 -14.97
N ALA B 473 7.47 14.05 -15.86
CA ALA B 473 6.12 13.53 -15.63
C ALA B 473 6.07 12.00 -15.76
N HIS B 474 7.12 11.37 -16.27
CA HIS B 474 7.09 9.92 -16.52
C HIS B 474 8.08 9.17 -15.59
N LEU B 475 8.49 9.79 -14.48
CA LEU B 475 9.19 9.08 -13.38
C LEU B 475 8.23 8.92 -12.19
N PRO B 476 8.49 7.91 -11.34
CA PRO B 476 7.68 7.73 -10.15
C PRO B 476 7.86 8.90 -9.18
N PHE B 477 6.74 9.47 -8.76
CA PHE B 477 6.71 10.64 -7.89
C PHE B 477 6.13 10.26 -6.53
N GLY B 478 6.85 10.58 -5.47
CA GLY B 478 6.43 10.25 -4.11
C GLY B 478 7.60 10.30 -3.15
N GLY B 479 7.31 10.09 -1.87
CA GLY B 479 8.28 10.29 -0.81
C GLY B 479 8.22 9.21 0.24
N VAL B 480 9.21 9.24 1.10
CA VAL B 480 9.32 8.32 2.22
C VAL B 480 9.21 9.16 3.49
N LYS B 481 9.31 8.50 4.65
CA LYS B 481 9.24 9.16 5.96
C LYS B 481 7.91 9.93 6.04
N ALA B 482 7.93 11.21 6.42
CA ALA B 482 6.68 11.96 6.63
C ALA B 482 6.07 12.40 5.28
N SER B 483 6.79 12.19 4.18
CA SER B 483 6.38 12.70 2.86
C SER B 483 5.43 11.73 2.14
N GLY B 484 5.33 10.48 2.59
CA GLY B 484 4.40 9.53 1.97
C GLY B 484 4.48 8.15 2.61
N ASN B 485 3.74 7.20 2.04
CA ASN B 485 3.58 5.86 2.61
C ASN B 485 4.13 4.78 1.68
N GLY B 486 4.73 5.17 0.55
CA GLY B 486 5.32 4.18 -0.39
C GLY B 486 4.67 4.22 -1.77
N GLY B 487 3.41 4.62 -1.84
CA GLY B 487 2.76 4.82 -3.12
C GLY B 487 3.51 5.79 -4.01
N ARG B 488 3.39 5.56 -5.32
CA ARG B 488 4.02 6.42 -6.32
C ARG B 488 2.98 6.79 -7.38
N GLU B 489 3.12 8.00 -7.92
CA GLU B 489 2.28 8.45 -8.99
C GLU B 489 3.15 8.56 -10.25
N SER B 490 2.46 8.55 -11.41
CA SER B 490 3.05 8.74 -12.74
C SER B 490 3.69 7.44 -13.26
N GLY B 491 3.68 7.31 -14.58
CA GLY B 491 4.28 6.17 -15.26
C GLY B 491 3.58 4.87 -14.91
N ILE B 492 4.32 3.78 -15.07
CA ILE B 492 3.81 2.43 -14.78
C ILE B 492 3.64 2.22 -13.28
N TRP B 493 4.33 3.02 -12.46
CA TRP B 493 4.42 2.77 -11.01
C TRP B 493 3.08 3.09 -10.32
N VAL B 494 2.24 3.90 -10.95
CA VAL B 494 0.96 4.28 -10.35
C VAL B 494 -0.07 3.17 -10.55
N LEU B 495 0.15 2.21 -11.44
CA LEU B 495 -0.87 1.19 -11.73
C LEU B 495 -1.17 0.34 -10.48
N GLU B 496 -0.18 0.17 -9.61
CA GLU B 496 -0.37 -0.55 -8.33
C GLU B 496 -1.37 0.21 -7.44
N GLU B 497 -1.50 1.53 -7.62
CA GLU B 497 -2.39 2.33 -6.79
C GLU B 497 -3.85 2.11 -7.17
N TYR B 498 -4.16 1.75 -8.42
CA TYR B 498 -5.57 1.84 -8.89
C TYR B 498 -6.08 0.49 -9.39
N THR B 499 -5.32 -0.58 -9.21
CA THR B 499 -5.74 -1.92 -9.57
C THR B 499 -5.32 -2.90 -8.50
N TYR B 500 -5.86 -4.11 -8.55
CA TYR B 500 -5.38 -5.21 -7.72
C TYR B 500 -5.10 -6.42 -8.60
N TRP B 501 -4.25 -7.30 -8.08
CA TRP B 501 -3.85 -8.52 -8.79
C TRP B 501 -4.88 -9.64 -8.57
N HIS B 502 -5.31 -10.23 -9.67
CA HIS B 502 -6.19 -11.41 -9.67
C HIS B 502 -5.43 -12.61 -10.22
N ALA B 503 -5.14 -13.59 -9.36
CA ALA B 503 -4.40 -14.80 -9.77
C ALA B 503 -5.40 -15.89 -10.16
N VAL B 504 -5.24 -16.43 -11.37
CA VAL B 504 -6.15 -17.46 -11.86
C VAL B 504 -5.35 -18.70 -12.27
N ASN B 505 -5.83 -19.86 -11.80
CA ASN B 505 -5.26 -21.16 -12.16
C ASN B 505 -6.34 -21.98 -12.88
N GLU B 506 -5.98 -22.58 -14.00
CA GLU B 506 -6.90 -23.33 -14.85
C GLU B 506 -6.41 -24.78 -14.96
N GLU B 507 -7.24 -25.72 -14.52
CA GLU B 507 -6.92 -27.16 -14.60
C GLU B 507 -7.57 -27.75 -15.87
N TYR B 508 -6.83 -28.64 -16.52
CA TYR B 508 -7.34 -29.42 -17.65
C TYR B 508 -7.06 -30.91 -17.45
N SER B 509 -6.43 -31.30 -16.34
CA SER B 509 -5.88 -32.65 -16.20
C SER B 509 -6.94 -33.66 -15.72
N GLY B 510 -8.18 -33.20 -15.48
CA GLY B 510 -9.27 -34.08 -15.03
C GLY B 510 -8.96 -34.83 -13.75
N ARG B 511 -8.05 -34.33 -12.90
CA ARG B 511 -7.79 -34.93 -11.57
C ARG B 511 -7.19 -33.89 -10.62
N LEU B 512 -7.35 -34.12 -9.31
CA LEU B 512 -6.94 -33.14 -8.26
C LEU B 512 -5.44 -33.31 -7.97
N GLN B 513 -4.64 -32.34 -8.43
CA GLN B 513 -3.18 -32.37 -8.25
C GLN B 513 -2.78 -31.46 -7.08
N LEU B 514 -2.13 -32.01 -6.06
CA LEU B 514 -1.80 -31.25 -4.84
C LEU B 514 -0.42 -30.58 -5.00
N ALA B 515 -0.41 -29.24 -4.88
CA ALA B 515 0.80 -28.41 -5.02
C ALA B 515 1.77 -28.64 -3.85
N GLN B 516 3.04 -28.30 -4.07
CA GLN B 516 4.13 -28.35 -3.06
C GLN B 516 3.95 -29.58 -2.15
C1 PGE C . -35.02 -24.29 -8.29
O1 PGE C . -35.13 -23.34 -7.21
C2 PGE C . -34.89 -25.68 -7.67
O2 PGE C . -34.72 -26.69 -8.66
C3 PGE C . -33.76 -27.71 -8.36
C4 PGE C . -34.40 -28.99 -7.82
O4 PGE C . -33.59 -28.49 -3.12
C6 PGE C . -33.61 -29.42 -4.22
C5 PGE C . -34.14 -28.73 -5.48
O3 PGE C . -33.73 -29.44 -6.65
C1 PEG D . -19.15 -16.02 18.10
O1 PEG D . -18.99 -14.62 17.88
C2 PEG D . -19.96 -16.67 17.01
O2 PEG D . -19.30 -17.84 16.50
C3 PEG D . -19.98 -18.50 15.42
C4 PEG D . -19.64 -17.86 14.06
O4 PEG D . -20.77 -17.60 13.22
C1 PGE E . -1.93 -33.76 31.05
O1 PGE E . -2.92 -32.77 30.76
C2 PGE E . -1.22 -33.49 32.37
O2 PGE E . -0.17 -34.44 32.56
C3 PGE E . -0.62 -35.70 33.11
C4 PGE E . 0.32 -36.82 32.68
O4 PGE E . 4.07 -38.04 30.87
C6 PGE E . 2.72 -38.09 31.38
C5 PGE E . 2.63 -37.60 32.83
O3 PGE E . 1.69 -36.51 33.00
C1 PGE F . 16.95 -25.66 18.87
O1 PGE F . 16.02 -26.76 18.86
C2 PGE F . 18.19 -25.91 18.00
O2 PGE F . 17.89 -25.64 16.62
C3 PGE F . 19.03 -25.76 15.76
C4 PGE F . 18.68 -26.31 14.37
O4 PGE F . 15.48 -29.16 13.96
C6 PGE F . 16.35 -28.67 12.91
C5 PGE F . 17.78 -28.32 13.37
O3 PGE F . 17.77 -27.40 14.47
C1 PGE G . -7.09 -2.81 23.17
O1 PGE G . -7.65 -3.70 24.15
C2 PGE G . -6.00 -3.54 22.38
O2 PGE G . -6.20 -3.37 20.97
C3 PGE G . -6.19 -4.55 20.15
C4 PGE G . -7.37 -4.47 19.18
O4 PGE G . -10.19 -8.17 19.20
C6 PGE G . -8.95 -7.70 18.62
C5 PGE G . -8.91 -6.19 18.47
O3 PGE G . -7.56 -5.72 18.53
O1 PG4 H . 8.90 5.22 4.55
C1 PG4 H . 10.06 4.45 4.24
C2 PG4 H . 11.21 5.01 5.07
O2 PG4 H . 12.49 4.48 4.69
C3 PG4 H . 13.54 5.45 4.56
C4 PG4 H . 13.80 6.37 5.76
O3 PG4 H . 14.09 5.76 7.04
C5 PG4 H . 13.58 6.49 8.18
C6 PG4 H . 12.08 6.14 8.29
O4 PG4 H . 11.44 6.55 9.50
C7 PG4 H . 10.02 6.56 9.35
C8 PG4 H . 9.36 6.26 10.69
O5 PG4 H . 8.64 5.02 10.65
C1 PGE I . 19.14 4.57 2.54
O1 PGE I . 19.79 4.86 3.78
C2 PGE I . 18.33 3.26 2.62
O2 PGE I . 16.92 3.54 2.66
C3 PGE I . 16.18 3.01 3.78
C4 PGE I . 16.51 3.70 5.10
O4 PGE I . 15.76 4.06 9.87
C6 PGE I . 15.45 3.31 8.69
C5 PGE I . 16.27 3.74 7.48
O3 PGE I . 15.65 3.40 6.22
PA NAP J . -5.10 -14.01 14.93
O1A NAP J . -5.84 -14.57 16.17
O2A NAP J . -5.45 -12.66 14.30
O5B NAP J . -3.54 -14.06 15.30
C5B NAP J . -2.53 -14.02 14.30
C4B NAP J . -1.24 -13.50 14.92
O4B NAP J . -1.51 -12.24 15.52
C3B NAP J . -0.74 -14.38 16.04
O3B NAP J . 0.67 -14.20 16.13
C2B NAP J . -1.41 -13.82 17.26
O2B NAP J . -0.77 -14.20 18.46
C1B NAP J . -1.40 -12.33 16.95
N9A NAP J . -2.51 -11.53 17.51
C8A NAP J . -3.75 -11.91 17.90
N7A NAP J . -4.43 -10.84 18.36
C5A NAP J . -3.64 -9.76 18.26
C6A NAP J . -3.75 -8.32 18.56
N6A NAP J . -4.88 -7.80 19.08
N1A NAP J . -2.69 -7.53 18.30
C2A NAP J . -1.55 -8.02 17.78
N3A NAP J . -1.37 -9.33 17.49
C4A NAP J . -2.38 -10.21 17.71
O3 NAP J . -5.18 -15.14 13.76
PN NAP J . -5.31 -16.72 14.14
O1N NAP J . -6.65 -16.84 14.83
O2N NAP J . -4.06 -17.10 14.95
O5D NAP J . -5.34 -17.38 12.66
C5D NAP J . -6.56 -17.50 11.94
C4D NAP J . -6.79 -16.31 11.03
O4D NAP J . -5.64 -16.11 10.20
C3D NAP J . -7.97 -16.53 10.08
O3D NAP J . -8.80 -15.36 10.01
C2D NAP J . -7.29 -16.81 8.75
O2D NAP J . -8.07 -16.52 7.59
C1D NAP J . -6.02 -15.97 8.84
N1N NAP J . -5.02 -16.44 7.88
C2N NAP J . -4.78 -15.68 6.79
C3N NAP J . -3.86 -16.08 5.82
C7N NAP J . -3.60 -15.22 4.61
O7N NAP J . -2.50 -15.31 4.07
N7N NAP J . -4.57 -14.42 4.13
C4N NAP J . -3.18 -17.30 5.99
C5N NAP J . -3.45 -18.08 7.12
C6N NAP J . -4.39 -17.62 8.06
P2B NAP J . -1.07 -15.69 19.10
O1X NAP J . 0.07 -15.77 20.10
O2X NAP J . -2.48 -15.62 19.68
O3X NAP J . -0.96 -16.74 17.99
OH2 1PE K . 8.45 -3.37 -16.32
C12 1PE K . 8.83 -2.70 -15.12
C22 1PE K . 7.77 -2.88 -14.04
OH3 1PE K . 8.22 -2.40 -12.77
C13 1PE K . 6.09 -1.80 -11.68
C23 1PE K . 7.48 -1.34 -12.15
OH4 1PE K . 6.22 -2.89 -10.77
C14 1PE K . 5.21 -4.90 -9.83
C24 1PE K . 4.97 -3.48 -10.36
OH5 1PE K . 4.48 -5.90 -10.56
C15 1PE K . 4.77 -7.30 -12.51
C25 1PE K . 4.73 -5.88 -11.96
OH6 1PE K . 5.94 -7.48 -13.32
C16 1PE K . 7.25 -7.08 -15.30
C26 1PE K . 5.93 -6.81 -14.58
OH7 1PE K . 7.63 -8.43 -15.01
S SO4 L . -11.05 -30.85 27.70
O1 SO4 L . -10.86 -31.17 29.13
O2 SO4 L . -12.44 -30.45 27.43
O3 SO4 L . -10.72 -32.03 26.87
O4 SO4 L . -10.14 -29.76 27.33
S SO4 M . -3.38 -22.30 0.32
O1 SO4 M . -3.93 -23.66 0.45
O2 SO4 M . -4.21 -21.36 1.10
O3 SO4 M . -1.97 -22.26 0.84
O4 SO4 M . -3.44 -21.81 -1.09
C1 PEG N . 10.53 40.67 10.50
O1 PEG N . 11.70 41.51 10.53
C2 PEG N . 9.52 41.17 9.48
O2 PEG N . 8.18 41.07 9.97
C3 PEG N . 7.55 39.77 9.89
C4 PEG N . 7.56 39.14 11.28
O4 PEG N . 6.53 38.15 11.46
OH2 1PE O . -15.18 -4.71 -3.96
C12 1PE O . -14.52 -5.53 -4.93
C22 1PE O . -13.08 -5.05 -5.15
OH3 1PE O . -12.48 -4.77 -3.88
C13 1PE O . -10.35 -3.92 -2.95
C23 1PE O . -11.52 -3.71 -3.92
OH4 1PE O . -10.82 -4.07 -1.61
C14 1PE O . -10.64 -3.62 0.77
C24 1PE O . -9.98 -3.46 -0.61
OH5 1PE O . -11.25 -2.41 1.26
C15 1PE O . -13.59 -1.72 1.50
C25 1PE O . -12.42 -1.97 0.55
OH6 1PE O . -14.77 -1.39 0.73
C16 1PE O . -16.30 -2.92 -0.47
C26 1PE O . -15.92 -2.27 0.87
OH7 1PE O . -15.12 -3.40 -1.14
C1 PGE P . -16.82 -3.16 -5.88
O1 PGE P . -15.86 -3.47 -6.89
C2 PGE P . -17.84 -2.18 -6.45
O2 PGE P . -18.96 -2.88 -6.97
C3 PGE P . -19.84 -1.98 -7.66
C4 PGE P . -21.21 -2.57 -8.01
O4 PGE P . -20.16 -4.94 -12.06
C6 PGE P . -21.20 -4.47 -11.18
C5 PGE P . -20.61 -3.87 -9.91
O3 PGE P . -21.35 -2.74 -9.42
OH2 1PE Q . 27.79 30.60 9.73
C12 1PE Q . 29.11 31.13 9.90
C22 1PE Q . 30.11 30.14 9.33
OH3 1PE Q . 31.22 30.75 8.65
C13 1PE Q . 33.09 30.25 7.07
C23 1PE Q . 31.61 30.11 7.41
OH4 1PE Q . 33.86 29.12 7.53
C14 1PE Q . 35.14 27.04 7.19
C24 1PE Q . 34.40 28.23 6.53
OH5 1PE Q . 34.35 26.48 8.25
C15 1PE Q . 34.43 24.72 9.97
C25 1PE Q . 34.48 25.08 8.48
OH6 1PE Q . 33.11 24.76 10.51
C16 1PE Q . 31.93 25.13 12.68
C26 1PE Q . 33.05 24.43 11.91
OH7 1PE Q . 31.84 26.54 12.37
PA NAP R . -4.15 20.55 2.92
O1A NAP R . -4.43 21.78 3.74
O2A NAP R . -3.86 19.23 3.60
O5B NAP R . -5.36 20.46 1.85
C5B NAP R . -5.34 19.56 0.75
C4B NAP R . -6.74 19.11 0.41
O4B NAP R . -7.31 18.49 1.57
C3B NAP R . -7.68 20.25 0.06
O3B NAP R . -8.66 19.77 -0.87
C2B NAP R . -8.31 20.62 1.38
O2B NAP R . -9.50 21.39 1.26
C1B NAP R . -8.46 19.25 2.00
N9A NAP R . -8.44 19.17 3.47
C8A NAP R . -7.84 20.01 4.34
N7A NAP R . -8.03 19.57 5.62
C5A NAP R . -8.74 18.43 5.56
C6A NAP R . -9.26 17.49 6.55
N6A NAP R . -9.04 17.71 7.87
N1A NAP R . -9.96 16.42 6.11
C2A NAP R . -10.18 16.22 4.78
N3A NAP R . -9.74 17.07 3.80
C4A NAP R . -9.01 18.17 4.15
O3 NAP R . -2.88 20.88 1.98
PN NAP R . -2.65 22.37 1.34
O1N NAP R . -2.20 23.22 2.50
O2N NAP R . -3.91 22.76 0.56
O5D NAP R . -1.39 22.08 0.40
C5D NAP R . -0.07 22.13 0.95
C4D NAP R . 0.46 20.72 1.22
O4D NAP R . 0.30 19.91 0.04
C3D NAP R . 1.95 20.76 1.54
O3D NAP R . 2.26 20.00 2.73
C2D NAP R . 2.59 20.18 0.28
O2D NAP R . 3.87 19.58 0.50
C1D NAP R . 1.52 19.22 -0.25
N1N NAP R . 1.68 18.92 -1.68
C2N NAP R . 2.05 17.67 -2.01
C3N NAP R . 2.24 17.31 -3.36
C7N NAP R . 2.68 15.90 -3.69
O7N NAP R . 2.30 15.37 -4.74
N7N NAP R . 3.50 15.28 -2.81
C4N NAP R . 2.06 18.27 -4.37
C5N NAP R . 1.68 19.56 -4.00
C6N NAP R . 1.48 19.86 -2.64
P2B NAP R . -9.43 23.02 1.02
O1X NAP R . -9.62 23.58 2.39
O2X NAP R . -8.08 23.37 0.43
O3X NAP R . -10.59 23.23 0.06
C1 PEG S . -13.49 26.38 -21.30
O1 PEG S . -12.11 26.71 -21.03
C2 PEG S . -13.68 24.87 -21.54
O2 PEG S . -15.04 24.50 -21.84
C3 PEG S . -15.85 24.06 -20.72
C4 PEG S . -16.21 25.24 -19.83
O4 PEG S . -17.40 24.98 -19.08
S SO4 T . 7.54 19.29 -9.07
O1 SO4 T . 7.01 19.20 -7.69
O2 SO4 T . 8.20 20.62 -9.17
O3 SO4 T . 8.54 18.23 -9.28
O4 SO4 T . 6.37 19.11 -10.01
#